data_5SN7
#
_entry.id   5SN7
#
_cell.length_a   138.411
_cell.length_b   65.849
_cell.length_c   84.369
_cell.angle_alpha   90.000
_cell.angle_beta   93.720
_cell.angle_gamma   90.000
#
_symmetry.space_group_name_H-M   'C 1 2 1'
#
loop_
_entity.id
_entity.type
_entity.pdbx_description
1 polymer '3-oxoacyl-[acyl-carrier-protein] synthase 2'
2 non-polymer [4-(cyclopropanecarbonyl)piperazin-1-yl](furan-2-yl)methanone
3 non-polymer 'DIMETHYL SULFOXIDE'
4 non-polymer 'PHOSPHATE ION'
5 water water
#
_entity_poly.entity_id   1
_entity_poly.type   'polypeptide(L)'
_entity_poly.pdbx_seq_one_letter_code
;MSRRRVVITGMGMLSPLGLDVPSSWEGILAGRSGIAPIEHMDLSAYSTRFGGSVKGFNVEEYLSAKEARKLDLFIQYGLA
ASFQAVRDSGLEVTDANRERIGVSMGSGIGGLTNIENNCRSLFEQGPRRISPFFVPGSIINMVSGFLSIHLGLQGPNYAL
TTAQTTGTHSIGMAARNIAYGEADVMVAGGSEMAACGLGLGGFGAARALSTRNDEPTRASRPWDRDRDGFVLSDGSGALV
LEELEHARARGARIYAELVGFGMSGDAFHMTAPPEDGAGAARCMKNALRDAGLDPRQVDYINAHGTSTPAGDIAEIAAVK
SVFGEHAHALSMSSTKSMTGHLLGAAGAVEAIFSVLALRDQVAPPTINLDNPDEGCDLDLVAHEAKPRKIDVALSNSFGF
GGTNGTLVFRRFAD
;
_entity_poly.pdbx_strand_id   A,B
#
loop_
_chem_comp.id
_chem_comp.type
_chem_comp.name
_chem_comp.formula
DMS non-polymer 'DIMETHYL SULFOXIDE' 'C2 H6 O S'
JMM non-polymer [4-(cyclopropanecarbonyl)piperazin-1-yl](furan-2-yl)methanone 'C13 H16 N2 O3'
PO4 non-polymer 'PHOSPHATE ION' 'O4 P -3'
#
# COMPACT_ATOMS: atom_id res chain seq x y z
N SER A 2 -18.96 16.70 -8.29
CA SER A 2 -19.98 15.72 -7.75
C SER A 2 -19.72 14.31 -8.33
N ARG A 3 -20.15 13.26 -7.61
CA ARG A 3 -19.63 11.87 -7.76
C ARG A 3 -20.00 11.27 -9.12
N ARG A 4 -19.00 10.88 -9.91
CA ARG A 4 -19.21 10.29 -11.25
C ARG A 4 -19.35 8.79 -11.22
N ARG A 5 -19.95 8.23 -12.26
CA ARG A 5 -20.17 6.77 -12.38
C ARG A 5 -18.91 6.13 -12.96
N VAL A 6 -18.64 4.89 -12.52
CA VAL A 6 -17.42 4.16 -12.90
C VAL A 6 -17.77 2.82 -13.54
N VAL A 7 -17.16 2.56 -14.70
CA VAL A 7 -17.43 1.28 -15.42
C VAL A 7 -16.13 0.54 -15.70
N ILE A 8 -16.27 -0.74 -16.00
CA ILE A 8 -15.14 -1.64 -16.28
C ILE A 8 -15.07 -1.83 -17.79
N THR A 9 -13.96 -1.39 -18.38
CA THR A 9 -13.81 -1.44 -19.85
C THR A 9 -12.71 -2.40 -20.27
N GLY A 10 -11.93 -3.00 -19.35
CA GLY A 10 -10.82 -3.88 -19.76
C GLY A 10 -10.44 -4.73 -18.58
N MET A 11 -10.12 -6.00 -18.81
CA MET A 11 -9.66 -6.90 -17.73
C MET A 11 -8.48 -7.74 -18.22
N GLY A 12 -7.61 -8.13 -17.28
CA GLY A 12 -6.40 -8.91 -17.57
C GLY A 12 -6.07 -9.79 -16.38
N MET A 13 -5.46 -10.94 -16.63
CA MET A 13 -5.27 -11.96 -15.56
C MET A 13 -4.15 -12.93 -15.90
N LEU A 14 -3.40 -13.32 -14.87
CA LEU A 14 -2.70 -14.60 -14.80
C LEU A 14 -3.23 -15.35 -13.59
N SER A 15 -3.54 -16.62 -13.73
CA SER A 15 -4.04 -17.42 -12.61
C SER A 15 -3.53 -18.84 -12.73
N PRO A 16 -3.75 -19.66 -11.70
CA PRO A 16 -3.45 -21.08 -11.80
C PRO A 16 -4.28 -21.81 -12.86
N LEU A 17 -5.33 -21.19 -13.40
CA LEU A 17 -6.19 -21.83 -14.41
C LEU A 17 -5.89 -21.32 -15.82
N GLY A 18 -5.09 -20.28 -16.00
CA GLY A 18 -4.80 -19.81 -17.36
C GLY A 18 -3.98 -18.55 -17.43
N LEU A 19 -3.44 -18.28 -18.62
CA LEU A 19 -2.51 -17.14 -18.83
C LEU A 19 -3.25 -15.91 -19.34
N ASP A 20 -4.58 -15.93 -19.27
CA ASP A 20 -5.40 -14.73 -19.56
C ASP A 20 -6.78 -14.91 -18.94
N VAL A 21 -7.64 -13.94 -19.18
CA VAL A 21 -9.01 -13.99 -18.60
C VAL A 21 -9.83 -15.14 -19.20
N PRO A 22 -10.01 -15.24 -20.55
CA PRO A 22 -10.93 -16.23 -21.09
C PRO A 22 -10.53 -17.66 -20.73
N SER A 23 -9.23 -17.98 -20.80
CA SER A 23 -8.74 -19.34 -20.44
C SER A 23 -9.04 -19.62 -18.95
N SER A 24 -8.82 -18.64 -18.07
CA SER A 24 -9.07 -18.82 -16.63
C SER A 24 -10.57 -19.06 -16.38
N TRP A 25 -11.42 -18.25 -17.01
CA TRP A 25 -12.90 -18.30 -16.85
C TRP A 25 -13.47 -19.62 -17.38
N GLU A 26 -12.96 -20.10 -18.52
N GLU A 26 -12.96 -20.12 -18.51
CA GLU A 26 -13.28 -21.46 -19.04
CA GLU A 26 -13.36 -21.46 -19.00
C GLU A 26 -13.06 -22.47 -17.90
C GLU A 26 -13.06 -22.48 -17.88
N GLY A 27 -11.89 -22.40 -17.25
CA GLY A 27 -11.52 -23.31 -16.16
C GLY A 27 -12.54 -23.21 -15.03
N ILE A 28 -12.86 -21.98 -14.64
CA ILE A 28 -13.80 -21.68 -13.51
C ILE A 28 -15.15 -22.34 -13.82
N LEU A 29 -15.67 -22.18 -15.03
CA LEU A 29 -17.04 -22.66 -15.32
C LEU A 29 -17.03 -24.18 -15.49
N ALA A 30 -15.85 -24.78 -15.77
CA ALA A 30 -15.72 -26.25 -15.92
C ALA A 30 -15.45 -26.92 -14.57
N GLY A 31 -15.25 -26.16 -13.48
CA GLY A 31 -14.97 -26.78 -12.18
C GLY A 31 -13.55 -27.31 -12.13
N ARG A 32 -12.65 -26.76 -12.94
CA ARG A 32 -11.27 -27.27 -13.01
C ARG A 32 -10.44 -26.70 -11.85
N SER A 33 -9.59 -27.51 -11.24
CA SER A 33 -8.58 -27.12 -10.21
C SER A 33 -7.27 -26.70 -10.86
N GLY A 34 -6.67 -25.60 -10.38
CA GLY A 34 -5.35 -25.17 -10.82
C GLY A 34 -4.30 -25.55 -9.78
N ILE A 35 -4.60 -26.43 -8.84
CA ILE A 35 -3.71 -26.73 -7.69
C ILE A 35 -2.93 -28.02 -8.01
N ALA A 36 -1.63 -28.02 -7.74
CA ALA A 36 -0.74 -29.15 -8.07
C ALA A 36 0.52 -29.06 -7.19
N PRO A 37 1.28 -30.16 -7.04
CA PRO A 37 2.56 -30.09 -6.35
C PRO A 37 3.42 -29.04 -7.03
N ILE A 38 4.10 -28.26 -6.21
CA ILE A 38 4.97 -27.19 -6.69
C ILE A 38 6.23 -27.82 -7.27
N GLU A 39 6.61 -27.35 -8.45
CA GLU A 39 7.75 -27.91 -9.22
C GLU A 39 8.97 -26.99 -9.17
N HIS A 40 8.80 -25.72 -8.85
CA HIS A 40 9.82 -24.67 -9.09
C HIS A 40 10.84 -24.65 -7.94
N MET A 41 10.59 -25.36 -6.84
CA MET A 41 11.56 -25.57 -5.73
C MET A 41 11.30 -26.92 -5.04
N ASP A 42 12.28 -27.41 -4.29
CA ASP A 42 12.23 -28.62 -3.44
C ASP A 42 11.56 -28.31 -2.09
N LEU A 43 10.37 -28.83 -1.87
CA LEU A 43 9.62 -28.61 -0.61
C LEU A 43 9.59 -29.87 0.27
N SER A 44 10.53 -30.81 0.14
CA SER A 44 10.42 -32.05 0.95
C SER A 44 10.46 -31.74 2.46
N ALA A 45 11.11 -30.67 2.91
CA ALA A 45 11.20 -30.35 4.35
C ALA A 45 9.94 -29.58 4.82
N TYR A 46 9.05 -29.20 3.91
CA TYR A 46 7.87 -28.34 4.23
C TYR A 46 6.63 -29.20 4.53
N SER A 47 5.73 -28.70 5.39
CA SER A 47 4.45 -29.40 5.70
C SER A 47 3.43 -29.29 4.55
N THR A 48 3.60 -28.33 3.63
CA THR A 48 2.72 -28.11 2.45
C THR A 48 3.61 -28.02 1.22
N ARG A 49 3.33 -28.83 0.21
CA ARG A 49 4.26 -28.99 -0.95
C ARG A 49 3.52 -28.70 -2.25
N PHE A 50 2.35 -28.08 -2.18
CA PHE A 50 1.51 -27.83 -3.37
C PHE A 50 0.97 -26.41 -3.26
N GLY A 51 0.37 -25.98 -4.35
CA GLY A 51 -0.22 -24.64 -4.46
C GLY A 51 -0.72 -24.39 -5.85
N GLY A 52 -1.18 -23.15 -6.08
CA GLY A 52 -1.64 -22.75 -7.41
C GLY A 52 -0.59 -21.93 -8.14
N SER A 53 0.21 -22.57 -8.96
CA SER A 53 1.29 -21.91 -9.73
C SER A 53 0.74 -21.38 -11.02
N VAL A 54 1.30 -20.31 -11.56
CA VAL A 54 1.02 -19.92 -12.93
C VAL A 54 1.83 -20.87 -13.81
N LYS A 55 1.22 -21.52 -14.79
CA LYS A 55 1.89 -22.54 -15.62
C LYS A 55 2.26 -21.96 -16.97
N GLY A 56 3.55 -22.04 -17.31
CA GLY A 56 4.01 -21.69 -18.66
C GLY A 56 3.94 -20.20 -18.92
N PHE A 57 4.14 -19.38 -17.90
CA PHE A 57 4.16 -17.92 -18.10
C PHE A 57 5.28 -17.56 -19.06
N ASN A 58 4.96 -16.85 -20.11
CA ASN A 58 6.02 -16.34 -21.02
C ASN A 58 6.10 -14.82 -20.89
N VAL A 59 7.08 -14.37 -20.10
CA VAL A 59 7.30 -12.92 -19.90
C VAL A 59 7.70 -12.27 -21.25
N GLU A 60 8.25 -13.03 -22.20
CA GLU A 60 8.63 -12.45 -23.51
C GLU A 60 7.42 -12.12 -24.39
N GLU A 61 6.17 -12.39 -23.96
CA GLU A 61 4.97 -11.82 -24.61
C GLU A 61 4.75 -10.36 -24.18
N TYR A 62 5.44 -9.91 -23.14
CA TYR A 62 5.14 -8.63 -22.48
C TYR A 62 6.35 -7.72 -22.36
N LEU A 63 7.53 -8.26 -22.04
CA LEU A 63 8.70 -7.47 -21.59
C LEU A 63 9.93 -8.01 -22.32
N SER A 64 10.86 -7.14 -22.65
CA SER A 64 12.23 -7.49 -23.08
C SER A 64 12.90 -8.35 -22.00
N ALA A 65 13.77 -9.29 -22.38
CA ALA A 65 14.48 -10.13 -21.40
C ALA A 65 15.33 -9.22 -20.51
N LYS A 66 15.76 -8.07 -21.04
CA LYS A 66 16.59 -7.02 -20.39
C LYS A 66 15.85 -6.37 -19.21
N GLU A 67 14.56 -6.05 -19.37
N GLU A 67 14.57 -6.07 -19.36
CA GLU A 67 13.72 -5.46 -18.30
CA GLU A 67 13.75 -5.49 -18.28
C GLU A 67 13.28 -6.59 -17.35
C GLU A 67 13.31 -6.61 -17.34
N ALA A 68 12.87 -7.73 -17.89
CA ALA A 68 12.29 -8.84 -17.11
C ALA A 68 13.26 -9.34 -16.02
N ARG A 69 14.56 -9.43 -16.36
N ARG A 69 14.56 -9.43 -16.33
CA ARG A 69 15.62 -9.96 -15.45
CA ARG A 69 15.57 -10.01 -15.40
C ARG A 69 15.72 -9.09 -14.19
C ARG A 69 15.77 -9.07 -14.19
N LYS A 70 15.31 -7.82 -14.26
CA LYS A 70 15.40 -6.87 -13.12
C LYS A 70 14.24 -7.09 -12.13
N LEU A 71 13.20 -7.83 -12.51
CA LEU A 71 11.87 -7.74 -11.81
C LEU A 71 11.51 -9.06 -11.15
N ASP A 72 11.07 -8.99 -9.89
CA ASP A 72 10.46 -10.17 -9.25
C ASP A 72 9.27 -10.66 -10.08
N LEU A 73 9.03 -11.97 -9.99
CA LEU A 73 7.83 -12.59 -10.60
C LEU A 73 6.55 -11.82 -10.24
N PHE A 74 6.36 -11.34 -9.02
CA PHE A 74 5.06 -10.67 -8.72
C PHE A 74 4.92 -9.41 -9.60
N ILE A 75 6.02 -8.75 -9.93
CA ILE A 75 5.94 -7.53 -10.79
C ILE A 75 5.69 -7.99 -12.22
N GLN A 76 6.37 -9.04 -12.69
CA GLN A 76 6.13 -9.56 -14.03
C GLN A 76 4.66 -9.94 -14.18
N TYR A 77 4.07 -10.56 -13.15
CA TYR A 77 2.67 -11.04 -13.26
C TYR A 77 1.74 -9.81 -13.28
N GLY A 78 2.03 -8.84 -12.43
CA GLY A 78 1.18 -7.63 -12.39
C GLY A 78 1.22 -6.82 -13.68
N LEU A 79 2.40 -6.74 -14.32
CA LEU A 79 2.52 -6.05 -15.62
C LEU A 79 1.82 -6.83 -16.70
N ALA A 80 1.90 -8.17 -16.69
CA ALA A 80 1.20 -9.00 -17.70
C ALA A 80 -0.30 -8.72 -17.61
N ALA A 81 -0.86 -8.78 -16.40
CA ALA A 81 -2.31 -8.56 -16.25
C ALA A 81 -2.67 -7.11 -16.67
N SER A 82 -1.89 -6.12 -16.24
CA SER A 82 -2.09 -4.69 -16.58
C SER A 82 -2.09 -4.50 -18.11
N PHE A 83 -1.06 -5.01 -18.75
CA PHE A 83 -0.95 -4.88 -20.22
C PHE A 83 -2.17 -5.52 -20.89
N GLN A 84 -2.58 -6.71 -20.48
CA GLN A 84 -3.80 -7.35 -21.00
C GLN A 84 -4.99 -6.41 -20.87
N ALA A 85 -5.17 -5.86 -19.68
CA ALA A 85 -6.36 -5.04 -19.36
C ALA A 85 -6.36 -3.78 -20.23
N VAL A 86 -5.23 -3.12 -20.34
CA VAL A 86 -5.14 -1.90 -21.20
C VAL A 86 -5.49 -2.28 -22.65
N ARG A 87 -4.91 -3.36 -23.18
CA ARG A 87 -5.21 -3.78 -24.58
C ARG A 87 -6.70 -4.07 -24.71
N ASP A 88 -7.28 -4.83 -23.76
CA ASP A 88 -8.70 -5.23 -23.77
C ASP A 88 -9.61 -3.98 -23.78
N SER A 89 -9.16 -2.89 -23.15
CA SER A 89 -9.98 -1.66 -22.99
C SER A 89 -10.09 -0.93 -24.34
N GLY A 90 -9.12 -1.12 -25.23
CA GLY A 90 -8.99 -0.30 -26.46
C GLY A 90 -8.55 1.13 -26.20
N LEU A 91 -8.21 1.51 -24.96
CA LEU A 91 -7.77 2.88 -24.68
C LEU A 91 -6.46 3.21 -25.40
N GLU A 92 -6.41 4.40 -26.04
CA GLU A 92 -5.16 4.99 -26.58
C GLU A 92 -4.70 6.11 -25.66
N VAL A 93 -3.48 5.98 -25.14
CA VAL A 93 -2.83 7.00 -24.28
C VAL A 93 -2.23 8.07 -25.17
N THR A 94 -2.59 9.31 -24.89
CA THR A 94 -2.11 10.48 -25.67
C THR A 94 -1.61 11.59 -24.74
N ASP A 95 -0.97 12.60 -25.33
CA ASP A 95 -0.67 13.82 -24.55
C ASP A 95 -1.96 14.43 -23.98
N ALA A 96 -3.11 14.33 -24.66
CA ALA A 96 -4.37 14.94 -24.20
C ALA A 96 -4.91 14.25 -22.94
N ASN A 97 -4.62 12.96 -22.71
CA ASN A 97 -5.33 12.23 -21.62
C ASN A 97 -4.34 11.57 -20.66
N ARG A 98 -3.03 11.67 -20.87
CA ARG A 98 -2.05 10.90 -20.03
C ARG A 98 -2.05 11.38 -18.60
N GLU A 99 -2.38 12.65 -18.32
CA GLU A 99 -2.38 13.14 -16.93
C GLU A 99 -3.65 12.65 -16.23
N ARG A 100 -4.60 12.09 -16.94
CA ARG A 100 -5.89 11.66 -16.32
C ARG A 100 -5.99 10.13 -16.21
N ILE A 101 -4.89 9.43 -16.48
CA ILE A 101 -4.84 7.95 -16.37
C ILE A 101 -3.79 7.59 -15.32
N GLY A 102 -4.22 6.86 -14.29
CA GLY A 102 -3.29 6.39 -13.25
C GLY A 102 -3.34 4.90 -13.05
N VAL A 103 -2.67 4.47 -11.99
CA VAL A 103 -2.53 3.04 -11.72
C VAL A 103 -2.43 2.81 -10.22
N SER A 104 -3.10 1.76 -9.77
CA SER A 104 -3.05 1.29 -8.36
C SER A 104 -3.08 -0.24 -8.40
N MET A 105 -1.91 -0.83 -8.57
CA MET A 105 -1.72 -2.28 -8.51
C MET A 105 -0.96 -2.60 -7.21
N GLY A 106 -1.56 -3.45 -6.40
CA GLY A 106 -0.99 -3.73 -5.07
C GLY A 106 -0.51 -5.17 -4.92
N SER A 107 0.00 -5.47 -3.75
CA SER A 107 0.42 -6.83 -3.41
C SER A 107 0.38 -6.98 -1.89
N GLY A 108 0.20 -8.20 -1.43
CA GLY A 108 0.23 -8.49 0.02
C GLY A 108 1.65 -8.55 0.52
N ILE A 109 2.53 -9.26 -0.19
CA ILE A 109 3.90 -9.59 0.29
C ILE A 109 4.98 -9.12 -0.69
N GLY A 110 4.66 -8.86 -1.96
CA GLY A 110 5.64 -8.40 -2.95
C GLY A 110 6.75 -9.41 -3.21
N GLY A 111 7.97 -8.94 -3.43
CA GLY A 111 8.96 -9.72 -4.19
C GLY A 111 9.73 -10.63 -3.26
N LEU A 112 9.03 -11.54 -2.57
CA LEU A 112 9.66 -12.38 -1.52
C LEU A 112 10.71 -13.32 -2.13
N THR A 113 10.50 -13.84 -3.32
CA THR A 113 11.50 -14.72 -4.00
C THR A 113 12.82 -13.95 -4.17
N ASN A 114 12.75 -12.77 -4.76
CA ASN A 114 13.94 -11.92 -4.98
C ASN A 114 14.57 -11.60 -3.64
N ILE A 115 13.79 -11.34 -2.61
CA ILE A 115 14.37 -10.88 -1.32
C ILE A 115 15.08 -12.08 -0.72
N GLU A 116 14.48 -13.25 -0.76
CA GLU A 116 15.09 -14.48 -0.21
C GLU A 116 16.43 -14.74 -0.90
N ASN A 117 16.45 -14.71 -2.24
CA ASN A 117 17.64 -15.01 -3.09
C ASN A 117 18.75 -14.03 -2.73
N ASN A 118 18.40 -12.76 -2.61
CA ASN A 118 19.38 -11.74 -2.20
C ASN A 118 19.83 -11.93 -0.75
N CYS A 119 18.95 -12.32 0.16
CA CYS A 119 19.36 -12.61 1.55
C CYS A 119 20.39 -13.76 1.57
N ARG A 120 20.20 -14.79 0.77
CA ARG A 120 21.11 -15.95 0.63
C ARG A 120 22.48 -15.45 0.14
N SER A 121 22.47 -14.64 -0.92
CA SER A 121 23.71 -13.98 -1.42
C SER A 121 24.39 -13.19 -0.31
N LEU A 122 23.65 -12.37 0.44
CA LEU A 122 24.25 -11.51 1.49
C LEU A 122 24.94 -12.42 2.50
N PHE A 123 24.25 -13.43 2.99
CA PHE A 123 24.73 -14.26 4.12
C PHE A 123 25.94 -15.09 3.68
N GLU A 124 25.91 -15.64 2.46
CA GLU A 124 26.93 -16.61 1.96
C GLU A 124 28.12 -15.83 1.37
N GLN A 125 27.89 -14.71 0.68
CA GLN A 125 28.91 -14.07 -0.18
C GLN A 125 29.18 -12.60 0.18
N GLY A 126 28.33 -11.97 1.00
CA GLY A 126 28.55 -10.59 1.42
C GLY A 126 27.68 -9.63 0.61
N PRO A 127 27.66 -8.36 1.05
CA PRO A 127 26.79 -7.36 0.48
C PRO A 127 27.07 -6.98 -0.96
N ARG A 128 28.32 -7.15 -1.45
CA ARG A 128 28.62 -6.76 -2.85
C ARG A 128 27.99 -7.76 -3.84
N ARG A 129 27.34 -8.84 -3.38
CA ARG A 129 26.64 -9.77 -4.29
C ARG A 129 25.13 -9.48 -4.32
N ILE A 130 24.66 -8.48 -3.57
CA ILE A 130 23.23 -8.10 -3.68
C ILE A 130 23.04 -7.42 -5.03
N SER A 131 21.96 -7.74 -5.71
CA SER A 131 21.62 -7.18 -7.03
C SER A 131 21.44 -5.67 -6.88
N PRO A 132 21.96 -4.88 -7.84
CA PRO A 132 21.66 -3.46 -7.91
C PRO A 132 20.15 -3.17 -8.04
N PHE A 133 19.39 -4.14 -8.57
CA PHE A 133 17.94 -4.00 -8.78
C PHE A 133 17.18 -4.54 -7.58
N PHE A 134 17.85 -4.94 -6.49
CA PHE A 134 17.17 -5.56 -5.32
C PHE A 134 15.98 -4.71 -4.85
N VAL A 135 16.15 -3.40 -4.66
CA VAL A 135 15.02 -2.58 -4.15
C VAL A 135 13.97 -2.35 -5.24
N PRO A 136 14.29 -1.69 -6.37
CA PRO A 136 13.25 -1.41 -7.37
C PRO A 136 12.64 -2.69 -7.97
N GLY A 137 13.35 -3.80 -7.93
CA GLY A 137 12.87 -5.06 -8.53
C GLY A 137 11.97 -5.86 -7.60
N SER A 138 11.84 -5.44 -6.34
CA SER A 138 11.10 -6.22 -5.31
C SER A 138 10.01 -5.43 -4.62
N ILE A 139 10.04 -4.11 -4.73
CA ILE A 139 9.19 -3.19 -3.92
C ILE A 139 7.78 -3.19 -4.51
N ILE A 140 6.75 -3.14 -3.66
CA ILE A 140 5.37 -3.40 -4.14
C ILE A 140 4.89 -2.38 -5.16
N ASN A 141 5.34 -1.14 -5.02
CA ASN A 141 4.78 -0.06 -5.89
C ASN A 141 5.35 -0.12 -7.30
N MET A 142 6.22 -1.07 -7.62
CA MET A 142 6.89 -1.00 -8.94
C MET A 142 6.03 -1.65 -10.04
N VAL A 143 4.88 -2.30 -9.76
CA VAL A 143 3.94 -2.62 -10.85
C VAL A 143 3.39 -1.29 -11.36
N SER A 144 2.81 -0.50 -10.45
CA SER A 144 2.34 0.88 -10.77
C SER A 144 3.44 1.67 -11.46
N GLY A 145 4.63 1.67 -10.91
CA GLY A 145 5.77 2.46 -11.43
C GLY A 145 6.15 2.02 -12.83
N PHE A 146 6.42 0.73 -13.03
CA PHE A 146 6.89 0.25 -14.36
C PHE A 146 5.74 0.42 -15.37
N LEU A 147 4.49 0.16 -15.02
CA LEU A 147 3.39 0.31 -15.96
C LEU A 147 3.32 1.77 -16.39
N SER A 148 3.40 2.69 -15.43
N SER A 148 3.39 2.68 -15.42
CA SER A 148 3.35 4.15 -15.73
CA SER A 148 3.37 4.15 -15.68
C SER A 148 4.46 4.52 -16.72
C SER A 148 4.45 4.52 -16.70
N ILE A 149 5.67 4.03 -16.50
CA ILE A 149 6.86 4.37 -17.33
C ILE A 149 6.65 3.83 -18.73
N HIS A 150 6.20 2.58 -18.84
CA HIS A 150 6.09 1.92 -20.16
C HIS A 150 4.92 2.48 -20.98
N LEU A 151 3.79 2.85 -20.34
CA LEU A 151 2.63 3.37 -21.09
C LEU A 151 2.52 4.89 -21.06
N GLY A 152 3.27 5.59 -20.21
CA GLY A 152 3.26 7.06 -20.08
C GLY A 152 2.05 7.54 -19.30
N LEU A 153 1.68 6.82 -18.24
CA LEU A 153 0.53 7.19 -17.37
C LEU A 153 1.00 8.19 -16.31
N GLN A 154 0.39 9.37 -16.27
CA GLN A 154 0.88 10.46 -15.40
C GLN A 154 -0.17 10.82 -14.36
N GLY A 155 -1.29 10.10 -14.33
CA GLY A 155 -2.30 10.21 -13.25
C GLY A 155 -1.81 9.69 -11.90
N PRO A 156 -2.72 9.64 -10.91
CA PRO A 156 -2.35 9.11 -9.61
C PRO A 156 -1.66 7.76 -9.78
N ASN A 157 -0.59 7.61 -9.02
CA ASN A 157 0.28 6.43 -9.10
C ASN A 157 0.56 5.98 -7.68
N TYR A 158 0.01 4.85 -7.29
CA TYR A 158 0.22 4.39 -5.91
C TYR A 158 0.00 2.89 -5.86
N ALA A 159 0.12 2.36 -4.67
CA ALA A 159 -0.01 0.91 -4.42
C ALA A 159 -0.52 0.74 -3.00
N LEU A 160 -1.44 -0.19 -2.85
CA LEU A 160 -1.94 -0.63 -1.52
C LEU A 160 -1.27 -1.94 -1.11
N THR A 161 -1.14 -2.14 0.17
CA THR A 161 -0.80 -3.48 0.70
C THR A 161 -1.66 -3.72 1.94
N THR A 162 -2.73 -4.51 1.75
CA THR A 162 -3.69 -4.82 2.83
C THR A 162 -3.87 -6.34 2.85
N ALA A 163 -2.75 -7.04 2.73
CA ALA A 163 -2.72 -8.50 2.88
C ALA A 163 -3.76 -9.10 1.92
N GLN A 164 -4.64 -9.99 2.39
CA GLN A 164 -5.59 -10.73 1.51
C GLN A 164 -6.72 -9.85 0.98
N THR A 165 -6.76 -8.59 1.38
CA THR A 165 -7.80 -7.64 0.95
C THR A 165 -7.25 -6.72 -0.15
N THR A 166 -5.96 -6.81 -0.44
CA THR A 166 -5.32 -5.80 -1.33
C THR A 166 -6.06 -5.58 -2.64
N GLY A 167 -6.38 -6.64 -3.39
CA GLY A 167 -6.92 -6.39 -4.74
C GLY A 167 -8.27 -5.68 -4.70
N THR A 168 -9.10 -6.00 -3.72
CA THR A 168 -10.42 -5.41 -3.52
C THR A 168 -10.29 -3.94 -3.12
N HIS A 169 -9.44 -3.66 -2.17
CA HIS A 169 -9.15 -2.25 -1.80
C HIS A 169 -8.57 -1.48 -2.97
N SER A 170 -7.68 -2.10 -3.74
CA SER A 170 -7.05 -1.34 -4.85
C SER A 170 -8.11 -0.90 -5.85
N ILE A 171 -8.96 -1.83 -6.24
CA ILE A 171 -10.03 -1.53 -7.22
C ILE A 171 -11.00 -0.49 -6.63
N GLY A 172 -11.50 -0.69 -5.42
CA GLY A 172 -12.40 0.29 -4.80
C GLY A 172 -11.86 1.71 -4.72
N MET A 173 -10.63 1.86 -4.23
N MET A 173 -10.61 1.87 -4.28
CA MET A 173 -10.01 3.20 -4.04
CA MET A 173 -10.03 3.21 -4.06
C MET A 173 -9.76 3.82 -5.43
C MET A 173 -9.64 3.85 -5.40
N ALA A 174 -9.30 3.04 -6.40
CA ALA A 174 -9.10 3.52 -7.78
C ALA A 174 -10.47 4.01 -8.32
N ALA A 175 -11.57 3.30 -8.06
CA ALA A 175 -12.92 3.76 -8.46
C ALA A 175 -13.25 5.10 -7.78
N ARG A 176 -12.96 5.26 -6.50
CA ARG A 176 -13.15 6.56 -5.80
C ARG A 176 -12.33 7.67 -6.47
N ASN A 177 -11.11 7.41 -6.89
CA ASN A 177 -10.27 8.43 -7.58
C ASN A 177 -11.08 8.95 -8.77
N ILE A 178 -11.68 8.04 -9.52
CA ILE A 178 -12.44 8.41 -10.75
C ILE A 178 -13.74 9.09 -10.35
N ALA A 179 -14.44 8.51 -9.40
CA ALA A 179 -15.74 9.05 -8.92
C ALA A 179 -15.58 10.53 -8.53
N TYR A 180 -14.50 10.86 -7.83
CA TYR A 180 -14.29 12.20 -7.21
C TYR A 180 -13.55 13.15 -8.15
N GLY A 181 -13.16 12.70 -9.33
CA GLY A 181 -12.59 13.57 -10.38
C GLY A 181 -11.09 13.66 -10.37
N GLU A 182 -10.40 12.78 -9.62
CA GLU A 182 -8.92 12.79 -9.50
C GLU A 182 -8.32 12.13 -10.74
N ALA A 183 -9.08 11.31 -11.45
CA ALA A 183 -8.66 10.62 -12.69
C ALA A 183 -9.88 10.30 -13.52
N ASP A 184 -9.68 10.05 -14.80
CA ASP A 184 -10.76 9.57 -15.66
C ASP A 184 -10.61 8.08 -15.91
N VAL A 185 -9.38 7.55 -15.80
CA VAL A 185 -9.08 6.12 -16.03
C VAL A 185 -8.08 5.66 -14.96
N MET A 186 -8.29 4.46 -14.43
CA MET A 186 -7.32 3.82 -13.55
C MET A 186 -7.16 2.37 -13.95
N VAL A 187 -5.91 1.90 -13.90
CA VAL A 187 -5.61 0.46 -13.98
C VAL A 187 -5.43 0.00 -12.55
N ALA A 188 -6.24 -0.95 -12.10
CA ALA A 188 -6.21 -1.31 -10.67
C ALA A 188 -6.39 -2.80 -10.47
N GLY A 189 -5.77 -3.30 -9.43
CA GLY A 189 -5.83 -4.74 -9.09
C GLY A 189 -4.68 -5.11 -8.21
N GLY A 190 -4.17 -6.32 -8.38
CA GLY A 190 -3.07 -6.79 -7.56
C GLY A 190 -2.34 -7.96 -8.18
N SER A 191 -1.22 -8.31 -7.57
CA SER A 191 -0.40 -9.45 -8.05
C SER A 191 0.33 -10.06 -6.86
N GLU A 192 0.71 -11.30 -7.00
CA GLU A 192 1.34 -12.00 -5.87
C GLU A 192 2.12 -13.18 -6.41
N MET A 193 3.30 -13.41 -5.82
N MET A 193 3.29 -13.39 -5.79
CA MET A 193 4.05 -14.67 -6.00
CA MET A 193 4.13 -14.59 -5.99
C MET A 193 4.81 -14.93 -4.70
C MET A 193 4.83 -14.88 -4.65
N ALA A 194 4.14 -15.58 -3.76
CA ALA A 194 4.64 -15.76 -2.39
C ALA A 194 5.17 -17.19 -2.25
N ALA A 195 5.23 -17.97 -3.33
CA ALA A 195 5.66 -19.40 -3.25
C ALA A 195 7.18 -19.47 -3.30
N CYS A 196 7.81 -18.97 -2.25
CA CYS A 196 9.24 -19.21 -1.95
C CYS A 196 9.31 -19.90 -0.59
N GLY A 197 10.49 -20.36 -0.18
CA GLY A 197 10.65 -21.01 1.14
C GLY A 197 10.09 -20.15 2.25
N LEU A 198 10.34 -18.84 2.21
CA LEU A 198 9.85 -17.93 3.26
C LEU A 198 8.31 -17.90 3.29
N GLY A 199 7.68 -17.87 2.12
CA GLY A 199 6.20 -17.81 2.04
C GLY A 199 5.54 -19.10 2.53
N LEU A 200 5.87 -20.21 1.87
CA LEU A 200 5.30 -21.52 2.24
C LEU A 200 5.74 -21.86 3.67
N GLY A 201 7.00 -21.56 4.02
CA GLY A 201 7.50 -21.76 5.38
C GLY A 201 6.79 -20.90 6.39
N GLY A 202 6.60 -19.62 6.07
CA GLY A 202 5.97 -18.68 7.03
C GLY A 202 4.52 -19.03 7.28
N PHE A 203 3.73 -19.25 6.23
CA PHE A 203 2.30 -19.60 6.44
C PHE A 203 2.24 -21.01 7.06
N GLY A 204 3.19 -21.87 6.69
CA GLY A 204 3.32 -23.19 7.31
C GLY A 204 3.59 -23.11 8.79
N ALA A 205 4.45 -22.20 9.23
CA ALA A 205 4.78 -22.01 10.65
C ALA A 205 3.54 -21.60 11.44
N ALA A 206 2.63 -20.87 10.79
CA ALA A 206 1.36 -20.42 11.41
C ALA A 206 0.28 -21.53 11.38
N ARG A 207 0.56 -22.66 10.76
CA ARG A 207 -0.37 -23.80 10.57
C ARG A 207 -1.64 -23.32 9.85
N ALA A 208 -1.50 -22.35 8.96
CA ALA A 208 -2.61 -21.69 8.24
C ALA A 208 -2.99 -22.45 6.95
N LEU A 209 -2.05 -23.25 6.43
CA LEU A 209 -2.18 -23.91 5.10
C LEU A 209 -2.77 -25.31 5.22
N SER A 210 -3.57 -25.69 4.24
CA SER A 210 -3.95 -27.12 4.06
C SER A 210 -2.65 -27.93 3.96
N THR A 211 -2.61 -29.10 4.58
CA THR A 211 -1.50 -30.06 4.44
C THR A 211 -1.96 -31.31 3.66
N ARG A 212 -2.97 -31.20 2.78
CA ARG A 212 -3.49 -32.32 1.97
C ARG A 212 -2.55 -32.62 0.78
N ASN A 213 -1.31 -32.97 1.06
CA ASN A 213 -0.24 -33.11 0.03
C ASN A 213 -0.60 -34.24 -0.94
N ASP A 214 -1.31 -35.25 -0.46
CA ASP A 214 -1.54 -36.48 -1.25
C ASP A 214 -2.70 -36.28 -2.19
N GLU A 215 -3.46 -35.19 -2.04
CA GLU A 215 -4.61 -34.95 -2.92
C GLU A 215 -4.77 -33.45 -3.10
N PRO A 216 -3.81 -32.76 -3.78
CA PRO A 216 -3.83 -31.29 -3.84
C PRO A 216 -5.09 -30.65 -4.45
N THR A 217 -5.75 -31.30 -5.41
CA THR A 217 -6.91 -30.68 -6.09
C THR A 217 -8.10 -30.70 -5.14
N ARG A 218 -8.06 -31.54 -4.10
CA ARG A 218 -9.19 -31.61 -3.12
C ARG A 218 -8.89 -30.74 -1.91
N ALA A 219 -7.73 -30.08 -1.83
CA ALA A 219 -7.30 -29.40 -0.59
C ALA A 219 -8.18 -28.19 -0.26
N SER A 220 -8.48 -27.36 -1.26
CA SER A 220 -9.27 -26.12 -1.12
C SER A 220 -10.76 -26.51 -1.20
N ARG A 221 -11.43 -26.47 -0.07
CA ARG A 221 -12.80 -27.03 0.06
C ARG A 221 -13.60 -26.12 0.96
N PRO A 222 -13.83 -24.87 0.50
CA PRO A 222 -14.53 -23.88 1.30
C PRO A 222 -15.91 -24.38 1.81
N TRP A 223 -16.14 -24.23 3.12
CA TRP A 223 -17.39 -24.63 3.85
C TRP A 223 -17.53 -26.16 3.98
N ASP A 224 -16.60 -26.95 3.42
CA ASP A 224 -16.63 -28.43 3.61
C ASP A 224 -16.18 -28.77 5.03
N ARG A 225 -16.81 -29.78 5.66
CA ARG A 225 -16.49 -30.12 7.07
C ARG A 225 -15.04 -30.62 7.22
N ASP A 226 -14.38 -31.04 6.14
CA ASP A 226 -13.02 -31.62 6.17
C ASP A 226 -11.96 -30.59 5.73
N ARG A 227 -12.30 -29.30 5.63
CA ARG A 227 -11.31 -28.26 5.25
C ARG A 227 -10.26 -28.14 6.35
N ASP A 228 -9.02 -27.78 5.99
CA ASP A 228 -7.88 -27.76 6.94
C ASP A 228 -6.92 -26.62 6.59
N GLY A 229 -7.46 -25.55 6.00
CA GLY A 229 -6.70 -24.30 5.76
C GLY A 229 -6.63 -23.93 4.28
N PHE A 230 -6.04 -22.79 4.00
CA PHE A 230 -6.02 -22.25 2.63
C PHE A 230 -4.89 -22.86 1.83
N VAL A 231 -5.03 -22.71 0.53
CA VAL A 231 -4.03 -23.15 -0.48
C VAL A 231 -3.41 -21.89 -1.05
N LEU A 232 -2.08 -21.84 -1.06
CA LEU A 232 -1.35 -20.63 -1.54
C LEU A 232 -1.25 -20.68 -3.06
N SER A 233 -1.58 -19.54 -3.69
CA SER A 233 -1.63 -19.39 -5.14
C SER A 233 -1.06 -18.03 -5.59
N ASP A 234 -0.64 -18.06 -6.85
CA ASP A 234 0.14 -16.99 -7.48
C ASP A 234 -0.67 -16.45 -8.65
N GLY A 235 -0.46 -15.18 -8.95
CA GLY A 235 -1.00 -14.62 -10.18
C GLY A 235 -1.31 -13.16 -10.03
N SER A 236 -2.26 -12.69 -10.83
N SER A 236 -2.19 -12.65 -10.89
CA SER A 236 -2.55 -11.24 -10.97
CA SER A 236 -2.52 -11.20 -10.94
C SER A 236 -3.91 -11.03 -11.61
C SER A 236 -3.85 -10.98 -11.65
N GLY A 237 -4.56 -9.92 -11.26
CA GLY A 237 -5.74 -9.42 -11.94
C GLY A 237 -5.58 -7.93 -12.06
N ALA A 238 -6.04 -7.39 -13.17
CA ALA A 238 -6.05 -5.93 -13.38
C ALA A 238 -7.34 -5.60 -14.12
N LEU A 239 -7.94 -4.50 -13.75
CA LEU A 239 -9.12 -3.94 -14.45
C LEU A 239 -8.77 -2.52 -14.89
N VAL A 240 -9.32 -2.13 -16.04
CA VAL A 240 -9.37 -0.72 -16.48
C VAL A 240 -10.73 -0.19 -16.00
N LEU A 241 -10.68 0.73 -15.05
CA LEU A 241 -11.85 1.45 -14.53
C LEU A 241 -11.90 2.76 -15.27
N GLU A 242 -13.08 3.23 -15.60
CA GLU A 242 -13.17 4.42 -16.49
C GLU A 242 -14.44 5.18 -16.13
N GLU A 243 -14.35 6.50 -16.12
CA GLU A 243 -15.55 7.33 -15.88
C GLU A 243 -16.56 7.05 -16.99
N LEU A 244 -17.86 6.92 -16.64
CA LEU A 244 -18.92 6.50 -17.56
C LEU A 244 -18.92 7.37 -18.81
N GLU A 245 -19.00 8.69 -18.70
CA GLU A 245 -19.15 9.54 -19.92
C GLU A 245 -17.90 9.44 -20.78
N HIS A 246 -16.72 9.33 -20.14
CA HIS A 246 -15.43 9.13 -20.86
C HIS A 246 -15.56 7.86 -21.72
N ALA A 247 -16.06 6.76 -21.14
CA ALA A 247 -16.18 5.47 -21.84
C ALA A 247 -17.20 5.62 -22.99
N ARG A 248 -18.33 6.26 -22.73
CA ARG A 248 -19.41 6.43 -23.74
C ARG A 248 -18.87 7.26 -24.90
N ALA A 249 -18.09 8.30 -24.60
CA ALA A 249 -17.59 9.30 -25.57
C ALA A 249 -16.67 8.59 -26.57
N ARG A 250 -15.94 7.56 -26.13
CA ARG A 250 -14.95 6.90 -27.03
C ARG A 250 -15.55 5.62 -27.60
N GLY A 251 -16.81 5.30 -27.30
CA GLY A 251 -17.51 4.09 -27.74
C GLY A 251 -16.93 2.83 -27.11
N ALA A 252 -16.53 2.90 -25.85
CA ALA A 252 -15.89 1.75 -25.20
C ALA A 252 -16.90 0.63 -25.05
N ARG A 253 -16.43 -0.62 -25.09
CA ARG A 253 -17.19 -1.77 -24.61
C ARG A 253 -17.17 -1.71 -23.08
N ILE A 254 -18.34 -1.69 -22.46
CA ILE A 254 -18.49 -1.70 -20.98
C ILE A 254 -18.94 -3.08 -20.51
N TYR A 255 -18.11 -3.73 -19.69
CA TYR A 255 -18.47 -5.03 -19.11
C TYR A 255 -19.59 -4.91 -18.08
N ALA A 256 -19.50 -3.89 -17.21
CA ALA A 256 -20.35 -3.76 -16.01
C ALA A 256 -20.02 -2.43 -15.34
N GLU A 257 -20.88 -2.05 -14.40
CA GLU A 257 -20.69 -0.81 -13.64
C GLU A 257 -20.24 -1.21 -12.22
N LEU A 258 -19.25 -0.48 -11.68
N LEU A 258 -19.31 -0.44 -11.66
CA LEU A 258 -18.83 -0.57 -10.26
CA LEU A 258 -18.83 -0.59 -10.26
C LEU A 258 -19.69 0.43 -9.49
C LEU A 258 -19.63 0.41 -9.42
N VAL A 259 -20.67 -0.08 -8.74
CA VAL A 259 -21.65 0.80 -8.04
C VAL A 259 -21.36 0.98 -6.56
N GLY A 260 -20.59 0.10 -5.92
CA GLY A 260 -20.44 0.21 -4.47
C GLY A 260 -19.08 -0.30 -4.01
N PHE A 261 -18.60 0.32 -2.96
CA PHE A 261 -17.37 -0.10 -2.28
C PHE A 261 -17.54 0.15 -0.80
N GLY A 262 -17.20 -0.88 -0.04
CA GLY A 262 -17.19 -0.85 1.42
C GLY A 262 -15.83 -1.24 1.96
N MET A 263 -15.48 -0.63 3.06
CA MET A 263 -14.36 -1.04 3.90
C MET A 263 -14.85 -1.05 5.36
N SER A 264 -14.17 -1.83 6.17
CA SER A 264 -14.36 -1.80 7.62
C SER A 264 -13.16 -2.49 8.24
N GLY A 265 -12.89 -2.21 9.52
CA GLY A 265 -11.96 -3.02 10.32
C GLY A 265 -12.71 -3.84 11.34
N ASP A 266 -12.33 -5.09 11.53
CA ASP A 266 -12.88 -5.95 12.60
C ASP A 266 -12.49 -5.40 13.98
N ALA A 267 -11.29 -4.86 14.11
CA ALA A 267 -10.68 -4.49 15.40
C ALA A 267 -10.78 -5.64 16.39
N PHE A 268 -10.48 -6.86 15.93
CA PHE A 268 -10.70 -8.10 16.73
C PHE A 268 -9.35 -8.77 17.01
N HIS A 269 -8.65 -9.23 15.97
CA HIS A 269 -7.47 -10.11 16.10
C HIS A 269 -6.53 -9.92 14.89
N MET A 270 -5.22 -10.07 15.12
CA MET A 270 -4.17 -9.87 14.10
C MET A 270 -4.46 -10.78 12.89
N THR A 271 -4.91 -12.02 13.08
CA THR A 271 -5.08 -13.00 11.95
C THR A 271 -6.43 -13.69 11.89
N ALA A 272 -7.15 -13.79 12.99
CA ALA A 272 -8.41 -14.55 13.11
C ALA A 272 -9.58 -13.59 12.85
N PRO A 273 -10.54 -14.01 12.03
CA PRO A 273 -11.77 -13.26 11.84
C PRO A 273 -12.67 -13.56 13.03
N PRO A 274 -13.51 -12.64 13.50
CA PRO A 274 -14.48 -12.97 14.56
C PRO A 274 -15.49 -14.00 14.02
N GLU A 275 -15.91 -14.96 14.86
CA GLU A 275 -16.83 -16.09 14.51
C GLU A 275 -18.14 -15.59 13.88
N ASP A 276 -18.65 -14.45 14.34
CA ASP A 276 -19.97 -13.89 13.94
C ASP A 276 -19.86 -13.06 12.66
N GLY A 277 -18.65 -12.86 12.14
CA GLY A 277 -18.47 -12.10 10.88
C GLY A 277 -18.91 -10.65 11.00
N ALA A 278 -18.88 -10.05 12.20
CA ALA A 278 -19.42 -8.70 12.44
C ALA A 278 -18.75 -7.64 11.52
N GLY A 279 -17.43 -7.69 11.36
CA GLY A 279 -16.70 -6.69 10.56
C GLY A 279 -17.04 -6.87 9.08
N ALA A 280 -17.13 -8.11 8.60
CA ALA A 280 -17.53 -8.40 7.21
C ALA A 280 -18.95 -7.89 6.96
N ALA A 281 -19.84 -8.07 7.92
CA ALA A 281 -21.23 -7.58 7.78
C ALA A 281 -21.24 -6.05 7.70
N ARG A 282 -20.48 -5.38 8.54
CA ARG A 282 -20.39 -3.90 8.53
C ARG A 282 -19.90 -3.46 7.15
N CYS A 283 -18.88 -4.16 6.64
CA CYS A 283 -18.29 -3.83 5.33
C CYS A 283 -19.33 -3.96 4.20
N MET A 284 -20.06 -5.08 4.16
CA MET A 284 -21.06 -5.32 3.09
C MET A 284 -22.15 -4.28 3.19
N LYS A 285 -22.60 -3.98 4.41
CA LYS A 285 -23.66 -2.96 4.58
C LYS A 285 -23.17 -1.59 4.11
N ASN A 286 -21.95 -1.19 4.42
CA ASN A 286 -21.35 0.06 3.85
C ASN A 286 -21.41 0.02 2.32
N ALA A 287 -21.01 -1.12 1.70
CA ALA A 287 -20.96 -1.27 0.23
C ALA A 287 -22.35 -1.16 -0.39
N LEU A 288 -23.35 -1.78 0.22
CA LEU A 288 -24.72 -1.80 -0.35
C LEU A 288 -25.36 -0.42 -0.18
N ARG A 289 -25.07 0.26 0.91
CA ARG A 289 -25.55 1.67 1.08
C ARG A 289 -24.88 2.59 0.07
N ASP A 290 -23.60 2.36 -0.17
CA ASP A 290 -22.81 3.16 -1.14
C ASP A 290 -23.42 2.99 -2.52
N ALA A 291 -23.91 1.78 -2.85
CA ALA A 291 -24.48 1.47 -4.18
C ALA A 291 -25.97 1.89 -4.26
N GLY A 292 -26.57 2.37 -3.18
CA GLY A 292 -27.97 2.78 -3.13
C GLY A 292 -28.89 1.59 -3.39
N LEU A 293 -28.58 0.40 -2.86
CA LEU A 293 -29.31 -0.85 -3.19
C LEU A 293 -30.15 -1.31 -2.00
N ASP A 294 -31.24 -1.98 -2.34
CA ASP A 294 -31.94 -2.91 -1.44
C ASP A 294 -31.09 -4.18 -1.37
N PRO A 295 -30.72 -4.71 -0.19
CA PRO A 295 -29.93 -5.93 -0.14
C PRO A 295 -30.56 -7.07 -0.96
N ARG A 296 -31.89 -7.10 -1.08
CA ARG A 296 -32.55 -8.14 -1.91
C ARG A 296 -32.18 -8.06 -3.40
N GLN A 297 -31.52 -6.98 -3.87
CA GLN A 297 -31.08 -6.89 -5.27
C GLN A 297 -29.84 -7.78 -5.47
N VAL A 298 -29.16 -8.20 -4.40
CA VAL A 298 -27.92 -9.01 -4.60
C VAL A 298 -28.29 -10.40 -5.10
N ASP A 299 -27.73 -10.81 -6.25
CA ASP A 299 -27.99 -12.14 -6.84
C ASP A 299 -26.82 -13.10 -6.61
N TYR A 300 -25.59 -12.60 -6.64
CA TYR A 300 -24.41 -13.47 -6.57
C TYR A 300 -23.36 -12.84 -5.67
N ILE A 301 -22.76 -13.67 -4.82
CA ILE A 301 -21.63 -13.22 -3.98
C ILE A 301 -20.43 -14.11 -4.30
N ASN A 302 -19.32 -13.51 -4.73
CA ASN A 302 -18.04 -14.22 -4.83
C ASN A 302 -17.42 -14.03 -3.46
N ALA A 303 -17.52 -15.05 -2.65
CA ALA A 303 -17.05 -15.06 -1.25
C ALA A 303 -15.53 -14.95 -1.20
N HIS A 304 -15.02 -14.54 -0.05
CA HIS A 304 -13.59 -14.68 0.24
C HIS A 304 -13.28 -16.19 0.28
N GLY A 305 -14.04 -16.96 1.09
CA GLY A 305 -14.10 -18.43 1.04
C GLY A 305 -12.72 -19.07 0.93
N THR A 306 -11.88 -18.87 1.95
CA THR A 306 -10.47 -19.27 1.92
C THR A 306 -10.26 -20.78 2.23
N SER A 307 -11.26 -21.49 2.78
CA SER A 307 -11.08 -22.90 3.23
C SER A 307 -10.33 -22.95 4.57
N THR A 308 -10.49 -21.92 5.40
CA THR A 308 -10.10 -21.98 6.81
C THR A 308 -11.35 -22.30 7.63
N PRO A 309 -11.18 -23.05 8.74
CA PRO A 309 -12.31 -23.32 9.63
C PRO A 309 -13.05 -22.04 10.05
N ALA A 310 -12.37 -21.04 10.60
CA ALA A 310 -13.05 -19.85 11.17
C ALA A 310 -13.52 -18.90 10.07
N GLY A 311 -12.71 -18.68 9.03
CA GLY A 311 -13.09 -17.68 8.03
C GLY A 311 -14.36 -18.07 7.29
N ASP A 312 -14.47 -19.33 6.87
CA ASP A 312 -15.59 -19.77 6.04
C ASP A 312 -16.88 -19.62 6.87
N ILE A 313 -16.86 -19.97 8.13
CA ILE A 313 -18.13 -19.92 8.93
C ILE A 313 -18.45 -18.45 9.28
N ALA A 314 -17.47 -17.59 9.53
CA ALA A 314 -17.68 -16.14 9.74
C ALA A 314 -18.43 -15.54 8.53
N GLU A 315 -18.06 -15.96 7.32
CA GLU A 315 -18.70 -15.39 6.11
C GLU A 315 -20.15 -15.81 5.99
N ILE A 316 -20.50 -17.05 6.32
CA ILE A 316 -21.93 -17.47 6.38
C ILE A 316 -22.65 -16.57 7.38
N ALA A 317 -22.09 -16.40 8.57
CA ALA A 317 -22.74 -15.64 9.65
C ALA A 317 -22.94 -14.21 9.14
N ALA A 318 -21.94 -13.60 8.50
CA ALA A 318 -22.09 -12.23 7.98
C ALA A 318 -23.17 -12.13 6.92
N VAL A 319 -23.17 -13.02 5.95
CA VAL A 319 -24.17 -12.99 4.84
C VAL A 319 -25.59 -13.19 5.42
N LYS A 320 -25.76 -14.07 6.40
CA LYS A 320 -27.10 -14.24 7.06
C LYS A 320 -27.48 -12.95 7.78
N SER A 321 -26.53 -12.32 8.45
CA SER A 321 -26.81 -11.08 9.22
C SER A 321 -27.23 -9.97 8.24
N VAL A 322 -26.54 -9.80 7.10
CA VAL A 322 -26.81 -8.69 6.16
C VAL A 322 -28.09 -8.93 5.37
N PHE A 323 -28.35 -10.14 4.95
CA PHE A 323 -29.36 -10.40 3.90
C PHE A 323 -30.63 -11.02 4.52
N GLY A 324 -30.59 -11.52 5.74
CA GLY A 324 -31.77 -12.15 6.36
C GLY A 324 -32.32 -13.27 5.51
N GLU A 325 -33.63 -13.28 5.27
CA GLU A 325 -34.26 -14.37 4.48
C GLU A 325 -33.71 -14.38 3.05
N HIS A 326 -33.32 -13.23 2.53
CA HIS A 326 -32.76 -13.16 1.15
C HIS A 326 -31.45 -13.96 1.06
N ALA A 327 -30.78 -14.25 2.18
CA ALA A 327 -29.55 -15.08 2.20
C ALA A 327 -29.82 -16.44 1.53
N HIS A 328 -31.06 -16.93 1.58
CA HIS A 328 -31.49 -18.24 1.03
C HIS A 328 -31.83 -18.12 -0.47
N ALA A 329 -31.87 -16.92 -1.05
CA ALA A 329 -32.27 -16.72 -2.46
C ALA A 329 -31.03 -16.44 -3.35
N LEU A 330 -30.06 -15.70 -2.83
CA LEU A 330 -28.83 -15.40 -3.59
C LEU A 330 -28.01 -16.70 -3.73
N SER A 331 -27.05 -16.68 -4.65
CA SER A 331 -26.00 -17.71 -4.81
C SER A 331 -24.67 -17.14 -4.31
N MET A 332 -23.95 -17.91 -3.55
CA MET A 332 -22.61 -17.50 -3.05
C MET A 332 -21.65 -18.63 -3.36
N SER A 333 -20.50 -18.34 -3.98
CA SER A 333 -19.49 -19.40 -4.22
C SER A 333 -18.09 -18.86 -3.95
N SER A 334 -17.20 -19.80 -3.69
CA SER A 334 -15.77 -19.51 -3.55
C SER A 334 -15.02 -20.07 -4.77
N THR A 335 -14.53 -19.19 -5.60
CA THR A 335 -13.69 -19.63 -6.74
C THR A 335 -12.31 -20.05 -6.23
N LYS A 336 -11.97 -19.77 -4.98
CA LYS A 336 -10.72 -20.25 -4.37
C LYS A 336 -10.76 -21.77 -4.29
N SER A 337 -11.94 -22.38 -4.36
CA SER A 337 -12.05 -23.86 -4.42
C SER A 337 -11.23 -24.41 -5.61
N MET A 338 -11.12 -23.61 -6.68
CA MET A 338 -10.39 -23.99 -7.91
C MET A 338 -9.03 -23.29 -8.00
N THR A 339 -8.96 -22.00 -7.64
CA THR A 339 -7.74 -21.18 -7.87
C THR A 339 -6.78 -21.22 -6.69
N GLY A 340 -7.27 -21.56 -5.52
CA GLY A 340 -6.59 -21.31 -4.25
C GLY A 340 -6.62 -19.82 -3.99
N HIS A 341 -5.81 -19.42 -3.04
CA HIS A 341 -5.80 -18.08 -2.44
C HIS A 341 -4.63 -17.31 -3.00
N LEU A 342 -4.92 -16.35 -3.89
CA LEU A 342 -3.88 -15.52 -4.51
C LEU A 342 -3.53 -14.32 -3.61
N LEU A 343 -3.97 -14.31 -2.37
CA LEU A 343 -3.54 -13.32 -1.34
C LEU A 343 -3.87 -11.92 -1.88
N GLY A 344 -2.87 -11.07 -2.09
CA GLY A 344 -3.14 -9.68 -2.53
C GLY A 344 -3.80 -9.63 -3.89
N ALA A 345 -3.66 -10.67 -4.74
CA ALA A 345 -4.30 -10.73 -6.06
C ALA A 345 -5.68 -11.38 -5.99
N ALA A 346 -6.08 -11.96 -4.83
CA ALA A 346 -7.36 -12.70 -4.74
C ALA A 346 -8.51 -11.76 -5.12
N GLY A 347 -8.55 -10.56 -4.55
CA GLY A 347 -9.70 -9.69 -4.79
C GLY A 347 -9.72 -9.19 -6.20
N ALA A 348 -8.56 -9.14 -6.86
CA ALA A 348 -8.52 -8.63 -8.25
C ALA A 348 -9.06 -9.72 -9.20
N VAL A 349 -8.61 -10.97 -9.08
CA VAL A 349 -9.10 -12.03 -9.99
C VAL A 349 -10.58 -12.30 -9.69
N GLU A 350 -10.97 -12.22 -8.41
CA GLU A 350 -12.39 -12.45 -8.01
C GLU A 350 -13.29 -11.31 -8.47
N ALA A 351 -12.81 -10.07 -8.50
CA ALA A 351 -13.58 -8.97 -9.11
C ALA A 351 -13.85 -9.32 -10.59
N ILE A 352 -12.81 -9.80 -11.31
CA ILE A 352 -12.98 -10.15 -12.73
C ILE A 352 -14.00 -11.30 -12.83
N PHE A 353 -13.94 -12.30 -11.96
CA PHE A 353 -14.88 -13.45 -12.05
C PHE A 353 -16.30 -12.95 -11.76
N SER A 354 -16.43 -11.95 -10.89
CA SER A 354 -17.75 -11.35 -10.55
C SER A 354 -18.32 -10.61 -11.76
N VAL A 355 -17.48 -9.86 -12.48
CA VAL A 355 -17.91 -9.18 -13.71
C VAL A 355 -18.33 -10.23 -14.76
N LEU A 356 -17.56 -11.31 -14.91
CA LEU A 356 -17.89 -12.34 -15.93
C LEU A 356 -19.16 -13.09 -15.50
N ALA A 357 -19.39 -13.25 -14.21
CA ALA A 357 -20.67 -13.82 -13.74
C ALA A 357 -21.83 -12.95 -14.26
N LEU A 358 -21.70 -11.61 -14.22
CA LEU A 358 -22.71 -10.69 -14.78
C LEU A 358 -22.76 -10.86 -16.29
N ARG A 359 -21.62 -10.89 -16.98
CA ARG A 359 -21.64 -10.99 -18.44
C ARG A 359 -22.37 -12.27 -18.87
N ASP A 360 -22.09 -13.40 -18.23
CA ASP A 360 -22.51 -14.74 -18.72
C ASP A 360 -23.73 -15.25 -17.98
N GLN A 361 -24.22 -14.55 -16.95
CA GLN A 361 -25.41 -14.99 -16.16
C GLN A 361 -25.20 -16.40 -15.62
N VAL A 362 -24.12 -16.59 -14.90
CA VAL A 362 -23.77 -17.91 -14.34
C VAL A 362 -22.98 -17.68 -13.07
N ALA A 363 -23.35 -18.42 -12.04
CA ALA A 363 -22.64 -18.48 -10.75
C ALA A 363 -21.62 -19.60 -10.86
N PRO A 364 -20.34 -19.25 -10.74
CA PRO A 364 -19.31 -20.29 -10.72
C PRO A 364 -19.47 -21.22 -9.55
N PRO A 365 -18.98 -22.46 -9.64
CA PRO A 365 -19.14 -23.41 -8.54
C PRO A 365 -18.17 -23.20 -7.38
N THR A 366 -18.55 -23.71 -6.23
CA THR A 366 -17.61 -24.06 -5.13
C THR A 366 -17.31 -25.55 -5.29
N ILE A 367 -16.21 -25.89 -5.94
CA ILE A 367 -15.87 -27.34 -6.03
C ILE A 367 -15.45 -27.84 -4.67
N ASN A 368 -15.45 -29.16 -4.54
CA ASN A 368 -15.01 -29.91 -3.33
C ASN A 368 -15.97 -29.81 -2.17
N LEU A 369 -17.19 -29.29 -2.37
CA LEU A 369 -18.12 -29.05 -1.24
C LEU A 369 -18.94 -30.32 -1.09
N ASP A 370 -18.30 -31.37 -0.59
CA ASP A 370 -18.89 -32.72 -0.51
C ASP A 370 -19.83 -32.74 0.69
N ASN A 371 -19.41 -32.18 1.82
CA ASN A 371 -20.21 -32.25 3.07
C ASN A 371 -20.18 -30.88 3.71
N PRO A 372 -21.14 -30.00 3.35
CA PRO A 372 -21.25 -28.70 3.97
C PRO A 372 -21.23 -28.82 5.49
N ASP A 373 -20.47 -27.94 6.13
CA ASP A 373 -20.31 -27.93 7.60
C ASP A 373 -21.60 -27.43 8.27
N GLU A 374 -21.65 -27.59 9.58
CA GLU A 374 -22.76 -27.08 10.44
C GLU A 374 -23.02 -25.61 10.09
N GLY A 375 -24.28 -25.30 9.78
CA GLY A 375 -24.73 -23.93 9.48
C GLY A 375 -24.40 -23.46 8.07
N CYS A 376 -23.70 -24.23 7.22
CA CYS A 376 -23.31 -23.81 5.85
C CYS A 376 -24.42 -24.23 4.88
N ASP A 377 -25.62 -23.69 5.06
CA ASP A 377 -26.84 -24.23 4.40
C ASP A 377 -27.41 -23.23 3.40
N LEU A 378 -26.59 -22.30 2.90
CA LEU A 378 -27.00 -21.43 1.80
C LEU A 378 -26.77 -22.12 0.46
N ASP A 379 -27.19 -21.46 -0.62
CA ASP A 379 -26.85 -21.88 -1.98
C ASP A 379 -25.37 -21.54 -2.21
N LEU A 380 -24.46 -22.50 -1.99
CA LEU A 380 -23.02 -22.32 -2.14
C LEU A 380 -22.58 -22.88 -3.49
N VAL A 381 -23.51 -23.10 -4.42
CA VAL A 381 -23.23 -23.52 -5.82
C VAL A 381 -22.28 -24.73 -5.77
N ALA A 382 -22.56 -25.71 -4.92
CA ALA A 382 -21.68 -26.90 -4.78
C ALA A 382 -21.44 -27.57 -6.14
N HIS A 383 -20.17 -27.87 -6.44
CA HIS A 383 -19.71 -28.81 -7.51
C HIS A 383 -19.80 -28.24 -8.92
N GLU A 384 -20.92 -27.66 -9.34
CA GLU A 384 -21.19 -27.32 -10.75
C GLU A 384 -21.71 -25.90 -10.92
N ALA A 385 -21.28 -25.22 -11.98
CA ALA A 385 -21.70 -23.84 -12.32
C ALA A 385 -23.24 -23.82 -12.42
N LYS A 386 -23.87 -22.73 -11.99
CA LYS A 386 -25.34 -22.60 -11.97
C LYS A 386 -25.73 -21.40 -12.81
N PRO A 387 -26.25 -21.58 -14.04
CA PRO A 387 -26.83 -20.47 -14.77
C PRO A 387 -27.98 -19.90 -13.96
N ARG A 388 -28.07 -18.57 -13.90
CA ARG A 388 -29.12 -17.87 -13.13
C ARG A 388 -29.11 -16.40 -13.47
N LYS A 389 -30.18 -15.74 -13.08
CA LYS A 389 -30.28 -14.28 -13.25
C LYS A 389 -29.33 -13.62 -12.24
N ILE A 390 -28.49 -12.75 -12.78
CA ILE A 390 -27.54 -11.97 -11.95
C ILE A 390 -27.56 -10.54 -12.44
N ASP A 391 -28.17 -9.65 -11.67
CA ASP A 391 -28.14 -8.19 -11.99
C ASP A 391 -27.07 -7.49 -11.12
N VAL A 392 -26.88 -7.98 -9.92
CA VAL A 392 -25.94 -7.41 -8.92
C VAL A 392 -25.07 -8.53 -8.35
N ALA A 393 -23.75 -8.31 -8.41
CA ALA A 393 -22.76 -9.25 -7.87
C ALA A 393 -21.89 -8.50 -6.87
N LEU A 394 -21.58 -9.19 -5.77
N LEU A 394 -21.70 -9.13 -5.70
CA LEU A 394 -20.76 -8.66 -4.66
CA LEU A 394 -20.72 -8.69 -4.68
C LEU A 394 -19.51 -9.54 -4.56
C LEU A 394 -19.43 -9.50 -4.87
N SER A 395 -18.33 -8.93 -4.37
CA SER A 395 -17.08 -9.65 -4.17
C SER A 395 -16.52 -9.21 -2.83
N ASN A 396 -16.28 -10.16 -1.93
CA ASN A 396 -15.76 -9.86 -0.57
C ASN A 396 -14.30 -10.30 -0.39
N SER A 397 -13.55 -9.58 0.41
CA SER A 397 -12.21 -9.96 0.84
C SER A 397 -12.05 -9.55 2.30
N PHE A 398 -11.30 -10.36 3.05
N PHE A 398 -11.42 -10.40 3.11
CA PHE A 398 -10.99 -10.16 4.49
CA PHE A 398 -10.92 -9.99 4.43
C PHE A 398 -9.51 -10.54 4.67
C PHE A 398 -9.45 -10.36 4.50
N GLY A 399 -8.76 -9.79 5.47
CA GLY A 399 -7.33 -10.03 5.61
C GLY A 399 -6.84 -9.84 6.99
N PHE A 400 -5.58 -10.23 7.18
CA PHE A 400 -4.83 -9.96 8.41
C PHE A 400 -4.94 -8.50 8.76
N GLY A 401 -4.98 -8.24 10.07
CA GLY A 401 -5.22 -6.92 10.60
C GLY A 401 -6.69 -6.61 10.70
N GLY A 402 -7.56 -7.56 10.37
CA GLY A 402 -9.02 -7.38 10.45
C GLY A 402 -9.52 -6.47 9.36
N THR A 403 -8.85 -6.44 8.21
N THR A 403 -8.77 -6.42 8.27
CA THR A 403 -9.17 -5.49 7.13
CA THR A 403 -9.13 -5.65 7.07
C THR A 403 -10.11 -6.14 6.11
C THR A 403 -10.35 -6.29 6.41
N ASN A 404 -11.24 -5.47 5.85
CA ASN A 404 -12.34 -5.98 5.03
C ASN A 404 -12.59 -5.04 3.84
N GLY A 405 -12.93 -5.64 2.70
CA GLY A 405 -13.37 -4.89 1.52
C GLY A 405 -14.48 -5.60 0.81
N THR A 406 -15.39 -4.83 0.23
CA THR A 406 -16.49 -5.37 -0.54
C THR A 406 -16.68 -4.51 -1.78
N LEU A 407 -16.76 -5.12 -2.96
CA LEU A 407 -17.11 -4.43 -4.21
C LEU A 407 -18.49 -4.90 -4.66
N VAL A 408 -19.25 -3.96 -5.20
CA VAL A 408 -20.60 -4.19 -5.75
C VAL A 408 -20.57 -3.79 -7.22
N PHE A 409 -20.84 -4.78 -8.07
CA PHE A 409 -20.89 -4.59 -9.53
C PHE A 409 -22.34 -4.82 -9.99
N ARG A 410 -22.75 -4.13 -11.03
CA ARG A 410 -24.07 -4.49 -11.64
C ARG A 410 -24.00 -4.39 -13.16
N ARG A 411 -24.96 -5.05 -13.82
CA ARG A 411 -25.06 -4.98 -15.29
C ARG A 411 -25.22 -3.53 -15.72
N PHE A 412 -24.63 -3.20 -16.87
CA PHE A 412 -24.80 -1.87 -17.50
C PHE A 412 -25.56 -2.04 -18.83
N ALA A 413 -26.63 -1.27 -19.04
CA ALA A 413 -27.32 -1.11 -20.35
C ALA A 413 -27.54 0.38 -20.63
N SER B 2 -19.19 19.08 -3.20
CA SER B 2 -18.56 19.81 -2.07
C SER B 2 -17.70 18.86 -1.22
N ARG B 3 -16.95 19.42 -0.25
CA ARG B 3 -15.91 18.70 0.53
C ARG B 3 -15.81 19.26 1.94
N ARG B 4 -15.61 18.41 2.93
CA ARG B 4 -15.39 18.88 4.32
C ARG B 4 -13.93 19.26 4.52
N ARG B 5 -13.71 20.10 5.51
CA ARG B 5 -12.40 20.62 5.84
C ARG B 5 -11.75 19.62 6.80
N VAL B 6 -10.43 19.49 6.68
CA VAL B 6 -9.63 18.53 7.47
C VAL B 6 -8.53 19.27 8.23
N VAL B 7 -8.42 19.00 9.52
CA VAL B 7 -7.41 19.63 10.36
C VAL B 7 -6.58 18.57 11.07
N ILE B 8 -5.43 19.02 11.57
CA ILE B 8 -4.47 18.15 12.28
C ILE B 8 -4.65 18.44 13.78
N THR B 9 -4.99 17.44 14.57
CA THR B 9 -5.27 17.63 16.01
C THR B 9 -4.31 16.82 16.89
N GLY B 10 -3.41 16.01 16.31
CA GLY B 10 -2.47 15.24 17.12
C GLY B 10 -1.29 14.78 16.27
N MET B 11 -0.12 14.71 16.85
CA MET B 11 1.06 14.29 16.08
C MET B 11 1.96 13.43 16.99
N GLY B 12 2.65 12.49 16.35
CA GLY B 12 3.54 11.53 17.04
C GLY B 12 4.73 11.16 16.17
N MET B 13 5.87 10.82 16.78
CA MET B 13 7.08 10.61 15.95
C MET B 13 8.11 9.82 16.72
N LEU B 14 8.87 8.99 16.01
CA LEU B 14 10.22 8.55 16.40
C LEU B 14 11.16 8.96 15.27
N SER B 15 12.29 9.53 15.59
CA SER B 15 13.22 9.98 14.54
C SER B 15 14.65 9.83 15.04
N PRO B 16 15.65 9.99 14.15
CA PRO B 16 17.04 9.99 14.59
C PRO B 16 17.35 11.16 15.52
N LEU B 17 16.44 12.12 15.64
CA LEU B 17 16.67 13.30 16.53
C LEU B 17 15.97 13.13 17.87
N GLY B 18 15.03 12.19 17.99
CA GLY B 18 14.26 12.18 19.23
C GLY B 18 13.19 11.11 19.26
N LEU B 19 12.70 10.81 20.45
CA LEU B 19 11.69 9.74 20.66
C LEU B 19 10.28 10.31 20.70
N ASP B 20 10.13 11.58 20.40
CA ASP B 20 8.81 12.22 20.25
C ASP B 20 8.92 13.47 19.39
N VAL B 21 7.80 14.13 19.19
CA VAL B 21 7.75 15.31 18.30
C VAL B 21 8.57 16.45 18.90
N PRO B 22 8.32 16.90 20.14
CA PRO B 22 9.02 18.10 20.63
C PRO B 22 10.53 17.93 20.69
N SER B 23 11.03 16.75 21.06
CA SER B 23 12.50 16.52 21.11
C SER B 23 13.08 16.55 19.68
N SER B 24 12.40 15.91 18.75
CA SER B 24 12.82 15.89 17.32
C SER B 24 12.84 17.33 16.79
N TRP B 25 11.79 18.08 17.06
CA TRP B 25 11.68 19.47 16.53
C TRP B 25 12.71 20.39 17.17
N GLU B 26 13.01 20.19 18.44
CA GLU B 26 14.08 21.00 19.08
C GLU B 26 15.37 20.77 18.32
N GLY B 27 15.65 19.51 17.94
CA GLY B 27 16.86 19.16 17.20
C GLY B 27 16.87 19.82 15.85
N ILE B 28 15.71 19.81 15.18
CA ILE B 28 15.56 20.40 13.82
C ILE B 28 15.91 21.90 13.89
N LEU B 29 15.32 22.63 14.83
CA LEU B 29 15.57 24.09 14.88
C LEU B 29 16.98 24.42 15.37
N ALA B 30 17.68 23.50 16.05
CA ALA B 30 19.09 23.69 16.47
C ALA B 30 20.06 23.22 15.39
N GLY B 31 19.61 22.64 14.30
CA GLY B 31 20.51 22.24 13.22
C GLY B 31 21.30 21.01 13.60
N ARG B 32 20.78 20.22 14.51
CA ARG B 32 21.47 19.02 15.02
C ARG B 32 21.34 17.88 14.00
N SER B 33 22.37 17.06 13.84
CA SER B 33 22.34 15.84 13.01
C SER B 33 21.98 14.62 13.88
N GLY B 34 21.15 13.72 13.38
CA GLY B 34 20.86 12.42 14.01
C GLY B 34 21.65 11.30 13.38
N ILE B 35 22.64 11.61 12.51
CA ILE B 35 23.35 10.59 11.69
C ILE B 35 24.61 10.15 12.43
N ALA B 36 24.87 8.84 12.46
CA ALA B 36 26.03 8.30 13.19
C ALA B 36 26.35 6.90 12.65
N PRO B 37 27.57 6.38 12.89
CA PRO B 37 27.85 5.00 12.53
C PRO B 37 26.83 4.09 13.21
N ILE B 38 26.35 3.12 12.44
CA ILE B 38 25.37 2.12 12.91
C ILE B 38 26.05 1.19 13.90
N GLU B 39 25.40 0.97 15.03
CA GLU B 39 25.94 0.10 16.11
C GLU B 39 25.32 -1.30 16.06
N HIS B 40 25.95 -2.24 16.77
CA HIS B 40 25.51 -3.65 16.98
C HIS B 40 25.33 -4.36 15.65
N MET B 41 26.18 -4.02 14.69
CA MET B 41 26.10 -4.61 13.34
C MET B 41 27.47 -4.48 12.70
N ASP B 42 27.97 -5.56 12.10
CA ASP B 42 29.34 -5.54 11.50
C ASP B 42 29.18 -5.09 10.06
N LEU B 43 29.46 -3.82 9.75
CA LEU B 43 29.26 -3.29 8.39
C LEU B 43 30.62 -3.14 7.71
N SER B 44 31.64 -3.87 8.15
CA SER B 44 32.99 -3.81 7.50
C SER B 44 32.92 -3.99 6.00
N ALA B 45 32.14 -4.97 5.54
CA ALA B 45 32.11 -5.37 4.12
C ALA B 45 31.25 -4.38 3.33
N TYR B 46 30.62 -3.40 3.99
CA TYR B 46 29.66 -2.49 3.31
C TYR B 46 30.33 -1.15 2.98
N SER B 47 29.87 -0.49 1.91
CA SER B 47 30.46 0.80 1.45
C SER B 47 29.88 1.97 2.25
N THR B 48 28.74 1.76 2.93
CA THR B 48 28.15 2.73 3.87
C THR B 48 28.01 2.05 5.25
N ARG B 49 28.42 2.73 6.32
CA ARG B 49 28.49 2.17 7.70
C ARG B 49 27.70 3.04 8.69
N PHE B 50 26.97 4.04 8.19
CA PHE B 50 26.29 5.04 9.04
C PHE B 50 24.86 5.25 8.53
N GLY B 51 24.05 5.88 9.36
CA GLY B 51 22.66 6.22 9.01
C GLY B 51 21.99 6.91 10.18
N GLY B 52 20.68 7.06 10.08
CA GLY B 52 19.85 7.63 11.16
C GLY B 52 19.11 6.57 11.93
N SER B 53 19.65 6.14 13.07
CA SER B 53 18.97 5.14 13.91
C SER B 53 18.09 5.84 14.93
N VAL B 54 17.04 5.14 15.39
CA VAL B 54 16.26 5.58 16.55
C VAL B 54 17.06 5.15 17.78
N LYS B 55 17.35 6.08 18.67
CA LYS B 55 18.22 5.83 19.84
C LYS B 55 17.37 5.75 21.11
N GLY B 56 17.50 4.63 21.82
CA GLY B 56 16.92 4.46 23.15
C GLY B 56 15.43 4.13 23.14
N PHE B 57 14.89 3.65 22.02
CA PHE B 57 13.44 3.35 21.93
C PHE B 57 13.09 2.23 22.92
N ASN B 58 12.03 2.46 23.68
CA ASN B 58 11.54 1.51 24.69
C ASN B 58 10.11 1.13 24.31
N VAL B 59 9.99 0.03 23.61
CA VAL B 59 8.70 -0.48 23.08
C VAL B 59 7.79 -0.84 24.27
N GLU B 60 8.34 -1.15 25.44
CA GLU B 60 7.49 -1.57 26.58
C GLU B 60 6.73 -0.37 27.16
N GLU B 61 7.00 0.85 26.71
CA GLU B 61 6.08 1.98 27.04
C GLU B 61 4.75 1.81 26.30
N TYR B 62 4.72 1.01 25.23
CA TYR B 62 3.55 0.91 24.33
C TYR B 62 2.93 -0.47 24.38
N LEU B 63 3.77 -1.48 24.37
CA LEU B 63 3.37 -2.90 24.26
C LEU B 63 3.98 -3.75 25.36
N SER B 64 3.33 -4.88 25.67
CA SER B 64 3.98 -5.90 26.52
C SER B 64 5.18 -6.48 25.76
N ALA B 65 6.19 -7.04 26.45
CA ALA B 65 7.37 -7.62 25.76
C ALA B 65 6.87 -8.71 24.80
N LYS B 66 5.85 -9.43 25.23
CA LYS B 66 5.36 -10.60 24.48
C LYS B 66 4.68 -10.16 23.18
N GLU B 67 3.91 -9.08 23.18
N GLU B 67 3.86 -9.10 23.25
CA GLU B 67 3.28 -8.59 21.93
CA GLU B 67 3.24 -8.39 22.10
C GLU B 67 4.38 -7.93 21.08
C GLU B 67 4.35 -7.95 21.15
N ALA B 68 5.34 -7.25 21.69
CA ALA B 68 6.45 -6.64 20.94
C ALA B 68 7.26 -7.71 20.21
N ARG B 69 7.43 -8.90 20.81
CA ARG B 69 8.26 -9.97 20.18
C ARG B 69 7.66 -10.45 18.85
N LYS B 70 6.38 -10.24 18.63
CA LYS B 70 5.66 -10.71 17.43
C LYS B 70 5.90 -9.74 16.27
N LEU B 71 6.37 -8.52 16.53
CA LEU B 71 6.29 -7.41 15.55
C LEU B 71 7.68 -6.94 15.11
N ASP B 72 7.83 -6.76 13.80
CA ASP B 72 9.08 -6.12 13.31
C ASP B 72 9.23 -4.72 13.91
N LEU B 73 10.46 -4.27 14.00
CA LEU B 73 10.75 -2.90 14.46
C LEU B 73 9.94 -1.88 13.66
N PHE B 74 9.74 -2.00 12.35
CA PHE B 74 9.03 -0.89 11.63
C PHE B 74 7.60 -0.81 12.17
N ILE B 75 7.01 -1.94 12.54
CA ILE B 75 5.63 -1.94 13.13
C ILE B 75 5.67 -1.34 14.53
N GLN B 76 6.63 -1.74 15.35
CA GLN B 76 6.79 -1.14 16.69
C GLN B 76 6.84 0.40 16.51
N TYR B 77 7.67 0.88 15.59
CA TYR B 77 7.88 2.33 15.40
C TYR B 77 6.57 2.99 14.99
N GLY B 78 5.88 2.40 14.04
CA GLY B 78 4.61 2.95 13.59
C GLY B 78 3.57 3.00 14.68
N LEU B 79 3.54 1.99 15.54
CA LEU B 79 2.56 2.00 16.65
C LEU B 79 2.96 3.04 17.68
N ALA B 80 4.23 3.21 17.97
CA ALA B 80 4.70 4.26 18.90
C ALA B 80 4.23 5.63 18.41
N ALA B 81 4.45 5.95 17.12
CA ALA B 81 4.06 7.28 16.62
C ALA B 81 2.54 7.42 16.69
N SER B 82 1.81 6.37 16.31
CA SER B 82 0.33 6.35 16.27
C SER B 82 -0.22 6.56 17.66
N PHE B 83 0.29 5.80 18.64
CA PHE B 83 -0.23 5.96 20.03
C PHE B 83 0.07 7.39 20.49
N GLN B 84 1.27 7.91 20.21
CA GLN B 84 1.60 9.30 20.57
C GLN B 84 0.59 10.26 19.97
N ALA B 85 0.26 10.08 18.69
CA ALA B 85 -0.60 11.02 17.96
C ALA B 85 -2.01 10.99 18.55
N VAL B 86 -2.52 9.82 18.81
CA VAL B 86 -3.88 9.69 19.38
C VAL B 86 -3.89 10.32 20.77
N ARG B 87 -2.93 9.99 21.64
CA ARG B 87 -2.81 10.67 22.97
C ARG B 87 -2.78 12.20 22.77
N ASP B 88 -1.96 12.70 21.86
CA ASP B 88 -1.77 14.16 21.67
C ASP B 88 -3.10 14.82 21.23
N SER B 89 -3.96 14.06 20.55
CA SER B 89 -5.22 14.61 20.00
C SER B 89 -6.28 14.77 21.09
N GLY B 90 -6.16 13.99 22.16
CA GLY B 90 -7.19 13.89 23.21
C GLY B 90 -8.49 13.25 22.75
N LEU B 91 -8.53 12.62 21.57
CA LEU B 91 -9.76 11.96 21.09
C LEU B 91 -10.17 10.83 22.02
N GLU B 92 -11.46 10.75 22.29
CA GLU B 92 -12.05 9.64 23.08
C GLU B 92 -12.81 8.75 22.12
N VAL B 93 -12.40 7.49 21.96
CA VAL B 93 -13.08 6.52 21.08
C VAL B 93 -14.25 5.91 21.87
N THR B 94 -15.43 5.88 21.27
CA THR B 94 -16.66 5.35 21.87
C THR B 94 -17.41 4.46 20.88
N ASP B 95 -18.42 3.76 21.38
CA ASP B 95 -19.29 3.00 20.47
C ASP B 95 -19.98 3.95 19.48
N ALA B 96 -20.20 5.21 19.82
CA ALA B 96 -20.91 6.18 18.97
C ALA B 96 -19.99 6.64 17.83
N ASN B 97 -18.65 6.52 17.94
CA ASN B 97 -17.78 7.08 16.88
C ASN B 97 -16.80 6.06 16.31
N ARG B 98 -16.70 4.86 16.85
CA ARG B 98 -15.58 3.98 16.45
C ARG B 98 -15.69 3.55 14.98
N GLU B 99 -16.87 3.55 14.35
CA GLU B 99 -16.99 3.22 12.91
C GLU B 99 -16.54 4.40 12.04
N ARG B 100 -16.25 5.55 12.65
CA ARG B 100 -15.92 6.78 11.89
C ARG B 100 -14.43 7.07 12.06
N ILE B 101 -13.69 6.18 12.70
CA ILE B 101 -12.24 6.41 13.01
C ILE B 101 -11.46 5.28 12.34
N GLY B 102 -10.56 5.63 11.41
CA GLY B 102 -9.76 4.63 10.70
C GLY B 102 -8.30 4.94 10.76
N VAL B 103 -7.53 4.15 10.00
N VAL B 103 -7.52 4.22 9.97
CA VAL B 103 -6.04 4.14 10.05
CA VAL B 103 -6.04 4.30 10.07
C VAL B 103 -5.49 3.92 8.65
C VAL B 103 -5.42 3.87 8.75
N SER B 104 -4.45 4.67 8.30
CA SER B 104 -3.66 4.44 7.09
C SER B 104 -2.22 4.79 7.44
N MET B 105 -1.52 3.82 7.99
CA MET B 105 -0.07 3.87 8.24
C MET B 105 0.63 2.94 7.26
N GLY B 106 1.60 3.49 6.56
CA GLY B 106 2.31 2.79 5.49
C GLY B 106 3.77 2.55 5.80
N SER B 107 4.44 1.92 4.85
CA SER B 107 5.90 1.72 4.89
C SER B 107 6.35 1.55 3.44
N GLY B 108 7.60 1.90 3.19
CA GLY B 108 8.20 1.69 1.86
C GLY B 108 8.68 0.30 1.63
N ILE B 109 9.45 -0.28 2.56
CA ILE B 109 10.03 -1.64 2.37
C ILE B 109 9.81 -2.54 3.60
N GLY B 110 9.07 -2.10 4.62
CA GLY B 110 8.51 -3.01 5.62
C GLY B 110 9.56 -3.87 6.31
N GLY B 111 9.26 -5.13 6.61
CA GLY B 111 9.95 -5.79 7.74
C GLY B 111 11.24 -6.48 7.32
N LEU B 112 12.21 -5.71 6.86
CA LEU B 112 13.52 -6.28 6.42
C LEU B 112 14.22 -7.06 7.54
N THR B 113 14.25 -6.52 8.74
CA THR B 113 14.94 -7.11 9.91
C THR B 113 14.36 -8.50 10.15
N ASN B 114 13.03 -8.60 10.27
N ASN B 114 13.03 -8.61 10.22
CA ASN B 114 12.35 -9.90 10.44
CA ASN B 114 12.35 -9.92 10.46
C ASN B 114 12.67 -10.83 9.27
C ASN B 114 12.57 -10.85 9.26
N ILE B 115 12.62 -10.33 8.04
CA ILE B 115 12.94 -11.15 6.83
C ILE B 115 14.36 -11.70 6.96
N GLU B 116 15.31 -10.86 7.34
CA GLU B 116 16.73 -11.26 7.52
C GLU B 116 16.80 -12.40 8.53
N ASN B 117 16.20 -12.20 9.71
CA ASN B 117 16.33 -13.17 10.84
C ASN B 117 15.64 -14.49 10.45
N ASN B 118 14.50 -14.45 9.75
CA ASN B 118 13.75 -15.68 9.39
C ASN B 118 14.44 -16.39 8.23
N CYS B 119 15.05 -15.65 7.31
CA CYS B 119 15.96 -16.24 6.28
C CYS B 119 17.07 -17.02 6.97
N ARG B 120 17.71 -16.38 7.95
CA ARG B 120 18.83 -17.04 8.69
C ARG B 120 18.32 -18.40 9.21
N SER B 121 17.20 -18.40 9.94
CA SER B 121 16.58 -19.65 10.47
C SER B 121 16.36 -20.64 9.32
N LEU B 122 15.72 -20.19 8.25
CA LEU B 122 15.33 -21.08 7.13
C LEU B 122 16.59 -21.72 6.52
N PHE B 123 17.62 -20.94 6.27
CA PHE B 123 18.87 -21.39 5.59
C PHE B 123 19.67 -22.32 6.48
N GLU B 124 19.72 -22.03 7.79
CA GLU B 124 20.59 -22.79 8.73
C GLU B 124 19.88 -24.05 9.26
N GLN B 125 18.57 -23.96 9.54
N GLN B 125 18.57 -24.00 9.55
CA GLN B 125 17.79 -24.96 10.31
CA GLN B 125 17.87 -25.15 10.17
C GLN B 125 16.59 -25.51 9.50
C GLN B 125 16.45 -25.37 9.59
N GLY B 126 16.21 -24.90 8.37
CA GLY B 126 15.03 -25.31 7.58
C GLY B 126 13.74 -24.61 8.00
N PRO B 127 12.63 -24.84 7.26
CA PRO B 127 11.42 -24.03 7.41
C PRO B 127 10.68 -24.19 8.74
N ARG B 128 10.97 -25.27 9.49
CA ARG B 128 10.20 -25.54 10.73
C ARG B 128 10.66 -24.58 11.84
N ARG B 129 11.78 -23.87 11.67
CA ARG B 129 12.27 -22.85 12.64
C ARG B 129 11.85 -21.42 12.25
N ILE B 130 11.13 -21.22 11.14
CA ILE B 130 10.53 -19.90 10.81
C ILE B 130 9.50 -19.57 11.90
N SER B 131 9.49 -18.34 12.38
CA SER B 131 8.50 -17.89 13.39
C SER B 131 7.08 -18.04 12.85
N PRO B 132 6.15 -18.51 13.72
CA PRO B 132 4.73 -18.51 13.40
C PRO B 132 4.17 -17.10 13.10
N PHE B 133 4.83 -16.11 13.69
CA PHE B 133 4.42 -14.70 13.53
C PHE B 133 5.15 -14.03 12.38
N PHE B 134 5.94 -14.75 11.60
CA PHE B 134 6.70 -14.15 10.50
C PHE B 134 5.78 -13.31 9.58
N VAL B 135 4.70 -13.89 9.07
CA VAL B 135 3.87 -13.12 8.11
C VAL B 135 3.16 -12.00 8.84
N PRO B 136 2.26 -12.23 9.80
CA PRO B 136 1.48 -11.10 10.31
C PRO B 136 2.36 -10.09 11.04
N GLY B 137 3.51 -10.50 11.57
CA GLY B 137 4.42 -9.60 12.30
C GLY B 137 5.35 -8.83 11.38
N SER B 138 5.26 -9.04 10.05
CA SER B 138 6.19 -8.38 9.09
C SER B 138 5.44 -7.57 8.04
N ILE B 139 4.18 -7.88 7.78
CA ILE B 139 3.44 -7.26 6.63
C ILE B 139 3.13 -5.79 6.97
N ILE B 140 3.12 -4.98 5.94
CA ILE B 140 3.09 -3.50 6.09
C ILE B 140 1.78 -3.06 6.74
N ASN B 141 0.68 -3.77 6.46
CA ASN B 141 -0.64 -3.29 6.96
C ASN B 141 -0.80 -3.61 8.44
N MET B 142 0.22 -4.13 9.14
CA MET B 142 -0.02 -4.50 10.55
C MET B 142 0.12 -3.33 11.51
N VAL B 143 0.65 -2.19 11.09
CA VAL B 143 0.54 -0.99 11.96
C VAL B 143 -0.94 -0.60 12.03
N SER B 144 -1.58 -0.43 10.88
CA SER B 144 -3.03 -0.14 10.83
C SER B 144 -3.79 -1.22 11.58
N GLY B 145 -3.46 -2.49 11.31
CA GLY B 145 -4.16 -3.63 11.93
C GLY B 145 -4.02 -3.58 13.43
N PHE B 146 -2.79 -3.58 13.97
CA PHE B 146 -2.61 -3.67 15.44
C PHE B 146 -3.18 -2.42 16.11
N LEU B 147 -3.04 -1.24 15.46
CA LEU B 147 -3.59 0.00 16.05
C LEU B 147 -5.10 -0.12 16.15
N SER B 148 -5.77 -0.57 15.08
N SER B 148 -5.74 -0.57 15.06
CA SER B 148 -7.25 -0.68 15.10
CA SER B 148 -7.22 -0.77 14.98
C SER B 148 -7.68 -1.65 16.19
C SER B 148 -7.67 -1.67 16.15
N ILE B 149 -6.98 -2.77 16.37
CA ILE B 149 -7.37 -3.78 17.40
C ILE B 149 -7.18 -3.16 18.77
N HIS B 150 -6.08 -2.49 18.96
CA HIS B 150 -5.74 -1.97 20.30
C HIS B 150 -6.73 -0.87 20.72
N LEU B 151 -7.15 0.00 19.79
CA LEU B 151 -7.97 1.18 20.15
C LEU B 151 -9.44 0.97 19.77
N GLY B 152 -9.80 -0.17 19.15
CA GLY B 152 -11.17 -0.46 18.73
C GLY B 152 -11.64 0.40 17.56
N LEU B 153 -10.76 0.67 16.59
CA LEU B 153 -11.10 1.51 15.44
C LEU B 153 -11.74 0.63 14.36
N GLN B 154 -12.90 1.05 13.88
CA GLN B 154 -13.67 0.21 12.93
C GLN B 154 -13.84 0.91 11.58
N GLY B 155 -13.30 2.12 11.43
CA GLY B 155 -13.31 2.89 10.17
C GLY B 155 -12.36 2.29 9.14
N PRO B 156 -12.19 3.00 8.01
CA PRO B 156 -11.33 2.54 6.93
C PRO B 156 -9.95 2.17 7.48
N ASN B 157 -9.50 0.98 7.09
N ASN B 157 -9.49 0.98 7.07
CA ASN B 157 -8.27 0.35 7.60
CA ASN B 157 -8.28 0.31 7.61
C ASN B 157 -7.47 -0.11 6.39
C ASN B 157 -7.45 -0.13 6.40
N TYR B 158 -6.37 0.60 6.09
CA TYR B 158 -5.53 0.24 4.94
C TYR B 158 -4.14 0.72 5.15
N ALA B 159 -3.31 0.43 4.14
CA ALA B 159 -1.89 0.81 4.16
C ALA B 159 -1.43 1.04 2.72
N LEU B 160 -0.73 2.14 2.54
CA LEU B 160 -0.02 2.45 1.30
C LEU B 160 1.42 1.93 1.37
N THR B 161 1.96 1.63 0.19
CA THR B 161 3.40 1.36 0.04
C THR B 161 3.80 1.98 -1.31
N THR B 162 4.25 3.23 -1.25
CA THR B 162 4.73 3.98 -2.42
C THR B 162 6.15 4.44 -2.17
N ALA B 163 7.02 3.53 -1.71
CA ALA B 163 8.44 3.81 -1.56
C ALA B 163 8.61 5.10 -0.76
N GLN B 164 9.43 6.00 -1.26
CA GLN B 164 9.82 7.23 -0.54
C GLN B 164 8.64 8.21 -0.46
N THR B 165 7.51 7.96 -1.12
CA THR B 165 6.32 8.85 -1.18
C THR B 165 5.27 8.38 -0.16
N THR B 166 5.52 7.28 0.52
CA THR B 166 4.45 6.59 1.28
C THR B 166 3.80 7.51 2.30
N GLY B 167 4.60 8.17 3.15
CA GLY B 167 4.02 8.95 4.26
C GLY B 167 3.16 10.09 3.74
N THR B 168 3.55 10.70 2.65
CA THR B 168 2.79 11.83 2.02
C THR B 168 1.49 11.30 1.44
N HIS B 169 1.54 10.21 0.71
CA HIS B 169 0.31 9.62 0.11
C HIS B 169 -0.64 9.17 1.22
N SER B 170 -0.07 8.61 2.27
CA SER B 170 -0.89 8.06 3.39
C SER B 170 -1.72 9.19 3.97
N ILE B 171 -1.05 10.28 4.27
CA ILE B 171 -1.74 11.46 4.89
C ILE B 171 -2.75 12.05 3.92
N GLY B 172 -2.35 12.23 2.68
CA GLY B 172 -3.25 12.83 1.71
C GLY B 172 -4.51 12.02 1.46
N MET B 173 -4.36 10.70 1.28
N MET B 173 -4.37 10.70 1.33
CA MET B 173 -5.52 9.84 1.01
CA MET B 173 -5.54 9.83 1.02
C MET B 173 -6.42 9.80 2.26
C MET B 173 -6.41 9.65 2.27
N ALA B 174 -5.85 9.78 3.47
CA ALA B 174 -6.65 9.76 4.70
C ALA B 174 -7.45 11.07 4.76
N ALA B 175 -6.86 12.17 4.34
CA ALA B 175 -7.57 13.48 4.32
C ALA B 175 -8.72 13.41 3.34
N ARG B 176 -8.54 12.77 2.19
CA ARG B 176 -9.66 12.53 1.22
C ARG B 176 -10.78 11.74 1.90
N ASN B 177 -10.47 10.66 2.62
CA ASN B 177 -11.49 9.82 3.29
C ASN B 177 -12.34 10.75 4.16
N ILE B 178 -11.73 11.70 4.85
CA ILE B 178 -12.51 12.58 5.75
C ILE B 178 -13.28 13.58 4.90
N ALA B 179 -12.59 14.24 3.98
CA ALA B 179 -13.19 15.31 3.16
C ALA B 179 -14.46 14.78 2.50
N TYR B 180 -14.45 13.54 2.03
CA TYR B 180 -15.56 12.95 1.24
C TYR B 180 -16.52 12.17 2.14
N GLY B 181 -16.35 12.23 3.46
CA GLY B 181 -17.38 11.69 4.39
C GLY B 181 -17.24 10.21 4.68
N GLU B 182 -16.13 9.58 4.32
CA GLU B 182 -15.96 8.12 4.54
C GLU B 182 -15.45 7.87 5.96
N ALA B 183 -14.96 8.90 6.66
CA ALA B 183 -14.49 8.83 8.05
C ALA B 183 -14.58 10.24 8.65
N ASP B 184 -14.62 10.34 9.97
CA ASP B 184 -14.45 11.65 10.62
C ASP B 184 -13.05 11.84 11.18
N VAL B 185 -12.33 10.76 11.48
CA VAL B 185 -10.96 10.84 12.03
C VAL B 185 -10.15 9.75 11.34
N MET B 186 -8.91 10.08 10.99
CA MET B 186 -7.96 9.04 10.53
C MET B 186 -6.62 9.23 11.23
N VAL B 187 -5.96 8.14 11.59
CA VAL B 187 -4.52 8.20 12.00
C VAL B 187 -3.68 7.86 10.77
N ALA B 188 -2.77 8.70 10.35
CA ALA B 188 -2.12 8.47 9.03
C ALA B 188 -0.65 8.86 9.09
N GLY B 189 0.16 8.24 8.26
CA GLY B 189 1.61 8.46 8.31
C GLY B 189 2.36 7.24 7.85
N GLY B 190 3.53 6.99 8.40
CA GLY B 190 4.36 5.90 7.90
C GLY B 190 5.45 5.57 8.89
N SER B 191 6.10 4.44 8.68
CA SER B 191 7.20 3.97 9.53
C SER B 191 8.16 3.13 8.68
N GLU B 192 9.37 3.06 9.13
CA GLU B 192 10.45 2.41 8.36
C GLU B 192 11.57 2.01 9.31
N MET B 193 12.09 0.80 9.12
N MET B 193 12.10 0.81 9.08
CA MET B 193 13.37 0.37 9.73
CA MET B 193 13.33 0.29 9.73
C MET B 193 14.08 -0.52 8.70
C MET B 193 14.08 -0.55 8.69
N ALA B 194 14.87 0.11 7.85
CA ALA B 194 15.60 -0.55 6.75
C ALA B 194 17.13 -0.54 6.99
N ALA B 195 17.67 -0.20 8.17
CA ALA B 195 19.11 -0.48 8.50
C ALA B 195 19.28 -1.94 8.90
N CYS B 196 19.04 -2.86 8.01
CA CYS B 196 19.65 -4.18 8.17
C CYS B 196 20.70 -4.20 7.08
N GLY B 197 21.42 -5.32 7.03
CA GLY B 197 22.29 -5.67 5.93
C GLY B 197 21.55 -5.45 4.64
N LEU B 198 20.28 -5.86 4.58
CA LEU B 198 19.51 -5.88 3.33
C LEU B 198 19.26 -4.45 2.83
N GLY B 199 18.97 -3.50 3.72
CA GLY B 199 18.68 -2.11 3.31
C GLY B 199 19.95 -1.42 2.90
N LEU B 200 20.96 -1.45 3.77
CA LEU B 200 22.24 -0.79 3.45
C LEU B 200 22.89 -1.50 2.25
N GLY B 201 22.84 -2.83 2.24
CA GLY B 201 23.35 -3.62 1.13
C GLY B 201 22.62 -3.32 -0.15
N GLY B 202 21.27 -3.29 -0.10
CA GLY B 202 20.42 -3.12 -1.29
C GLY B 202 20.58 -1.75 -1.91
N PHE B 203 20.51 -0.70 -1.10
CA PHE B 203 20.73 0.66 -1.63
C PHE B 203 22.19 0.84 -2.04
N GLY B 204 23.12 0.23 -1.30
CA GLY B 204 24.55 0.27 -1.62
C GLY B 204 24.85 -0.36 -2.96
N ALA B 205 24.19 -1.48 -3.29
CA ALA B 205 24.35 -2.19 -4.58
C ALA B 205 23.92 -1.28 -5.73
N ALA B 206 22.98 -0.37 -5.50
CA ALA B 206 22.52 0.64 -6.49
C ALA B 206 23.41 1.89 -6.48
N ARG B 207 24.36 1.99 -5.57
CA ARG B 207 25.30 3.13 -5.39
C ARG B 207 24.51 4.40 -5.09
N ALA B 208 23.37 4.28 -4.40
CA ALA B 208 22.40 5.37 -4.14
C ALA B 208 22.81 6.11 -2.86
N LEU B 209 23.58 5.50 -1.97
CA LEU B 209 23.87 6.06 -0.64
C LEU B 209 25.14 6.92 -0.64
N SER B 210 25.18 7.97 0.16
CA SER B 210 26.44 8.61 0.57
C SER B 210 27.38 7.53 1.16
N THR B 211 28.68 7.64 0.86
CA THR B 211 29.75 6.80 1.42
C THR B 211 30.73 7.64 2.24
N ARG B 212 30.30 8.77 2.82
CA ARG B 212 31.14 9.70 3.62
C ARG B 212 31.28 9.16 5.04
N ASN B 213 31.88 7.96 5.18
CA ASN B 213 31.98 7.18 6.44
C ASN B 213 32.78 7.95 7.46
N ASP B 214 33.74 8.78 6.99
CA ASP B 214 34.63 9.54 7.90
C ASP B 214 33.85 10.64 8.61
N GLU B 215 32.77 11.18 8.01
CA GLU B 215 32.07 12.35 8.62
C GLU B 215 30.56 12.21 8.41
N PRO B 216 29.94 11.24 9.10
CA PRO B 216 28.54 10.91 8.83
C PRO B 216 27.58 12.09 8.97
N THR B 217 27.86 13.00 9.90
CA THR B 217 26.97 14.16 10.17
C THR B 217 27.01 15.11 8.97
N ARG B 218 28.08 15.06 8.16
CA ARG B 218 28.22 15.95 6.97
C ARG B 218 27.74 15.23 5.72
N ALA B 219 27.32 13.98 5.81
CA ALA B 219 27.02 13.17 4.60
C ALA B 219 25.80 13.73 3.89
N SER B 220 24.72 14.05 4.61
CA SER B 220 23.45 14.47 4.01
C SER B 220 23.55 15.99 3.81
N ARG B 221 23.69 16.42 2.56
CA ARG B 221 24.03 17.84 2.23
C ARG B 221 23.25 18.26 1.00
N PRO B 222 21.90 18.32 1.09
CA PRO B 222 21.03 18.64 -0.04
C PRO B 222 21.44 19.94 -0.74
N TRP B 223 21.56 19.87 -2.08
CA TRP B 223 21.92 21.01 -2.98
C TRP B 223 23.39 21.43 -2.85
N ASP B 224 24.18 20.79 -2.00
CA ASP B 224 25.62 21.08 -1.85
C ASP B 224 26.37 20.41 -2.99
N ARG B 225 27.41 21.07 -3.49
CA ARG B 225 28.10 20.57 -4.69
C ARG B 225 28.85 19.26 -4.41
N ASP B 226 29.10 18.89 -3.15
CA ASP B 226 29.87 17.68 -2.77
C ASP B 226 28.95 16.56 -2.24
N ARG B 227 27.65 16.66 -2.46
CA ARG B 227 26.71 15.57 -2.09
C ARG B 227 27.02 14.34 -2.95
N ASP B 228 26.74 13.17 -2.42
CA ASP B 228 27.14 11.89 -3.05
C ASP B 228 26.09 10.82 -2.71
N GLY B 229 24.84 11.24 -2.47
CA GLY B 229 23.71 10.32 -2.33
C GLY B 229 23.03 10.41 -0.98
N PHE B 230 21.96 9.65 -0.78
CA PHE B 230 21.13 9.87 0.44
C PHE B 230 21.71 9.09 1.62
N VAL B 231 21.17 9.39 2.79
CA VAL B 231 21.54 8.74 4.07
C VAL B 231 20.30 7.98 4.53
N LEU B 232 20.49 6.73 4.85
CA LEU B 232 19.34 5.89 5.20
C LEU B 232 19.00 6.09 6.69
N SER B 233 17.72 6.30 7.00
CA SER B 233 17.25 6.55 8.37
C SER B 233 15.98 5.79 8.70
N ASP B 234 15.75 5.67 10.00
CA ASP B 234 14.66 4.87 10.60
C ASP B 234 13.75 5.78 11.38
N GLY B 235 12.51 5.35 11.57
CA GLY B 235 11.56 6.01 12.49
C GLY B 235 10.17 6.04 11.93
N SER B 236 9.36 7.01 12.37
CA SER B 236 7.91 6.97 12.12
C SER B 236 7.31 8.35 12.34
N GLY B 237 6.25 8.64 11.60
CA GLY B 237 5.42 9.81 11.89
C GLY B 237 3.95 9.47 11.76
N ALA B 238 3.13 9.99 12.65
CA ALA B 238 1.68 9.78 12.62
C ALA B 238 0.99 11.08 12.95
N LEU B 239 -0.07 11.37 12.19
CA LEU B 239 -0.92 12.53 12.46
C LEU B 239 -2.34 12.04 12.67
N VAL B 240 -3.02 12.72 13.57
CA VAL B 240 -4.48 12.58 13.68
C VAL B 240 -5.10 13.66 12.82
N LEU B 241 -5.78 13.21 11.76
CA LEU B 241 -6.55 14.06 10.84
C LEU B 241 -8.00 14.00 11.29
N GLU B 242 -8.70 15.12 11.22
CA GLU B 242 -10.05 15.18 11.82
C GLU B 242 -10.88 16.20 11.06
N GLU B 243 -12.12 15.87 10.85
CA GLU B 243 -13.06 16.81 10.21
C GLU B 243 -13.16 18.06 11.12
N LEU B 244 -13.25 19.22 10.52
CA LEU B 244 -13.15 20.50 11.27
C LEU B 244 -14.28 20.62 12.29
N GLU B 245 -15.53 20.42 11.89
CA GLU B 245 -16.66 20.61 12.86
C GLU B 245 -16.54 19.57 13.98
N HIS B 246 -16.13 18.33 13.68
CA HIS B 246 -15.87 17.30 14.70
C HIS B 246 -14.82 17.79 15.68
N ALA B 247 -13.75 18.40 15.21
CA ALA B 247 -12.67 18.91 16.08
C ALA B 247 -13.18 20.09 16.92
N ARG B 248 -13.91 21.03 16.32
CA ARG B 248 -14.44 22.22 17.05
C ARG B 248 -15.41 21.78 18.12
N ALA B 249 -16.21 20.76 17.86
CA ALA B 249 -17.30 20.36 18.76
C ALA B 249 -16.74 19.80 20.08
N ARG B 250 -15.60 19.13 20.04
CA ARG B 250 -15.03 18.52 21.25
C ARG B 250 -13.94 19.43 21.84
N GLY B 251 -13.71 20.62 21.30
CA GLY B 251 -12.72 21.59 21.76
C GLY B 251 -11.30 21.12 21.52
N ALA B 252 -11.06 20.43 20.42
CA ALA B 252 -9.70 19.94 20.09
C ALA B 252 -8.76 21.12 19.88
N ARG B 253 -7.48 20.93 20.20
CA ARG B 253 -6.43 21.89 19.86
C ARG B 253 -6.09 21.57 18.41
N ILE B 254 -6.20 22.55 17.54
CA ILE B 254 -5.94 22.40 16.09
C ILE B 254 -4.58 22.97 15.75
N TYR B 255 -3.69 22.15 15.23
CA TYR B 255 -2.34 22.62 14.85
C TYR B 255 -2.38 23.42 13.55
N ALA B 256 -3.11 22.96 12.55
CA ALA B 256 -3.08 23.50 11.17
C ALA B 256 -4.17 22.79 10.40
N GLU B 257 -4.46 23.33 9.22
CA GLU B 257 -5.46 22.75 8.28
C GLU B 257 -4.71 22.12 7.11
N LEU B 258 -5.21 20.96 6.68
CA LEU B 258 -4.68 20.33 5.46
C LEU B 258 -5.63 20.72 4.33
N VAL B 259 -5.16 21.61 3.45
CA VAL B 259 -6.01 22.24 2.42
C VAL B 259 -5.81 21.63 1.03
N GLY B 260 -4.66 20.97 0.75
CA GLY B 260 -4.40 20.47 -0.60
C GLY B 260 -3.57 19.19 -0.54
N PHE B 261 -3.77 18.38 -1.56
CA PHE B 261 -3.04 17.12 -1.80
C PHE B 261 -2.96 16.94 -3.32
N GLY B 262 -1.75 16.71 -3.77
CA GLY B 262 -1.41 16.37 -5.14
C GLY B 262 -0.72 15.05 -5.23
N MET B 263 -1.00 14.34 -6.31
CA MET B 263 -0.32 13.14 -6.76
C MET B 263 -0.06 13.36 -8.25
N SER B 264 0.97 12.74 -8.72
CA SER B 264 1.24 12.67 -10.16
C SER B 264 2.27 11.59 -10.30
N GLY B 265 2.27 10.93 -11.45
CA GLY B 265 3.39 10.08 -11.86
C GLY B 265 4.28 10.79 -12.86
N ASP B 266 5.59 10.68 -12.71
CA ASP B 266 6.62 11.18 -13.67
C ASP B 266 6.47 10.40 -14.98
N ALA B 267 6.19 9.09 -14.87
CA ALA B 267 6.31 8.12 -16.01
C ALA B 267 7.66 8.26 -16.72
N PHE B 268 8.73 8.45 -15.96
CA PHE B 268 10.05 8.78 -16.55
C PHE B 268 11.01 7.62 -16.38
N HIS B 269 11.33 7.22 -15.14
CA HIS B 269 12.37 6.21 -14.85
C HIS B 269 12.11 5.49 -13.52
N MET B 270 12.61 4.25 -13.39
CA MET B 270 12.34 3.39 -12.21
C MET B 270 12.86 4.06 -10.95
N THR B 271 14.02 4.74 -10.99
CA THR B 271 14.67 5.27 -9.78
C THR B 271 15.08 6.76 -9.88
N ALA B 272 15.22 7.32 -11.08
CA ALA B 272 15.77 8.67 -11.36
C ALA B 272 14.62 9.63 -11.66
N PRO B 273 14.58 10.85 -11.10
CA PRO B 273 13.59 11.82 -11.51
C PRO B 273 14.05 12.55 -12.76
N PRO B 274 13.14 13.12 -13.57
CA PRO B 274 13.56 13.92 -14.71
C PRO B 274 14.32 15.17 -14.22
N GLU B 275 15.37 15.56 -14.95
CA GLU B 275 16.30 16.67 -14.60
C GLU B 275 15.52 17.97 -14.40
N ASP B 276 14.45 18.16 -15.16
CA ASP B 276 13.66 19.42 -15.17
C ASP B 276 12.54 19.37 -14.11
N GLY B 277 12.38 18.24 -13.41
CA GLY B 277 11.37 18.08 -12.34
C GLY B 277 9.95 18.24 -12.82
N ALA B 278 9.63 17.83 -14.04
CA ALA B 278 8.31 18.02 -14.65
C ALA B 278 7.22 17.36 -13.77
N GLY B 279 7.52 16.19 -13.22
CA GLY B 279 6.51 15.42 -12.45
C GLY B 279 6.25 16.10 -11.13
N ALA B 280 7.30 16.54 -10.44
CA ALA B 280 7.17 17.29 -9.17
C ALA B 280 6.41 18.60 -9.44
N ALA B 281 6.68 19.29 -10.54
CA ALA B 281 5.95 20.53 -10.89
C ALA B 281 4.46 20.25 -11.09
N ARG B 282 4.08 19.19 -11.84
CA ARG B 282 2.66 18.82 -12.03
C ARG B 282 2.03 18.52 -10.67
N CYS B 283 2.75 17.80 -9.82
CA CYS B 283 2.19 17.38 -8.53
C CYS B 283 1.93 18.63 -7.68
N MET B 284 2.90 19.52 -7.58
CA MET B 284 2.70 20.75 -6.77
C MET B 284 1.55 21.58 -7.37
N LYS B 285 1.52 21.77 -8.68
CA LYS B 285 0.39 22.52 -9.33
C LYS B 285 -0.94 21.83 -9.00
N ASN B 286 -1.00 20.50 -9.03
CA ASN B 286 -2.23 19.76 -8.66
C ASN B 286 -2.62 20.07 -7.22
N ALA B 287 -1.66 20.08 -6.30
CA ALA B 287 -1.97 20.29 -4.87
C ALA B 287 -2.44 21.71 -4.63
N LEU B 288 -1.83 22.69 -5.29
CA LEU B 288 -2.26 24.10 -5.15
C LEU B 288 -3.64 24.28 -5.78
N ARG B 289 -3.89 23.69 -6.94
CA ARG B 289 -5.26 23.70 -7.53
C ARG B 289 -6.25 23.07 -6.55
N ASP B 290 -5.89 21.92 -5.96
CA ASP B 290 -6.77 21.23 -4.98
C ASP B 290 -7.09 22.17 -3.81
N ALA B 291 -6.15 23.02 -3.39
CA ALA B 291 -6.32 23.93 -2.23
C ALA B 291 -7.01 25.24 -2.65
N GLY B 292 -7.14 25.49 -3.95
CA GLY B 292 -7.61 26.78 -4.48
C GLY B 292 -6.69 27.93 -4.10
N LEU B 293 -5.38 27.68 -4.15
CA LEU B 293 -4.32 28.66 -3.83
C LEU B 293 -3.49 28.93 -5.06
N ASP B 294 -3.08 30.20 -5.20
N ASP B 294 -3.10 30.20 -5.24
CA ASP B 294 -2.12 30.70 -6.20
CA ASP B 294 -2.14 30.64 -6.28
C ASP B 294 -0.71 30.34 -5.75
C ASP B 294 -0.73 30.33 -5.77
N PRO B 295 0.21 29.93 -6.65
CA PRO B 295 1.60 29.72 -6.23
C PRO B 295 2.15 30.85 -5.32
N ARG B 296 1.77 32.10 -5.55
CA ARG B 296 2.28 33.26 -4.78
C ARG B 296 1.99 33.17 -3.29
N GLN B 297 0.98 32.40 -2.89
CA GLN B 297 0.54 32.27 -1.49
C GLN B 297 1.45 31.31 -0.70
N VAL B 298 2.31 30.53 -1.38
CA VAL B 298 3.22 29.60 -0.67
C VAL B 298 4.37 30.34 0.00
N ASP B 299 4.62 30.01 1.28
CA ASP B 299 5.68 30.68 2.06
C ASP B 299 6.86 29.73 2.32
N TYR B 300 6.57 28.45 2.55
CA TYR B 300 7.59 27.50 3.04
C TYR B 300 7.38 26.14 2.34
N ILE B 301 8.44 25.58 1.80
CA ILE B 301 8.40 24.22 1.22
C ILE B 301 9.38 23.37 2.02
N ASN B 302 8.89 22.25 2.52
CA ASN B 302 9.76 21.18 3.05
C ASN B 302 10.01 20.26 1.88
N ALA B 303 11.18 20.41 1.28
CA ALA B 303 11.59 19.69 0.08
C ALA B 303 11.67 18.20 0.39
N HIS B 304 11.61 17.38 -0.65
CA HIS B 304 12.10 16.00 -0.56
C HIS B 304 13.60 16.02 -0.24
N GLY B 305 14.40 16.77 -1.01
CA GLY B 305 15.79 17.14 -0.68
C GLY B 305 16.61 15.99 -0.12
N THR B 306 16.77 14.93 -0.90
CA THR B 306 17.39 13.66 -0.46
C THR B 306 18.92 13.66 -0.46
N SER B 307 19.58 14.66 -1.06
CA SER B 307 21.06 14.76 -1.20
C SER B 307 21.55 13.83 -2.33
N THR B 308 20.72 13.48 -3.29
CA THR B 308 21.19 12.80 -4.52
C THR B 308 21.51 13.88 -5.55
N PRO B 309 22.50 13.70 -6.42
CA PRO B 309 22.75 14.68 -7.48
C PRO B 309 21.50 15.08 -8.28
N ALA B 310 20.79 14.12 -8.88
CA ALA B 310 19.69 14.42 -9.82
C ALA B 310 18.42 14.90 -9.07
N GLY B 311 18.08 14.31 -7.93
CA GLY B 311 16.85 14.65 -7.21
C GLY B 311 16.85 16.11 -6.77
N ASP B 312 17.94 16.54 -6.19
CA ASP B 312 18.04 17.89 -5.56
C ASP B 312 17.88 18.93 -6.66
N ILE B 313 18.59 18.79 -7.79
CA ILE B 313 18.48 19.77 -8.91
C ILE B 313 17.10 19.72 -9.59
N ALA B 314 16.45 18.54 -9.74
CA ALA B 314 15.07 18.40 -10.25
C ALA B 314 14.10 19.25 -9.42
N GLU B 315 14.29 19.28 -8.10
N GLU B 315 14.32 19.30 -8.11
CA GLU B 315 13.35 20.01 -7.20
CA GLU B 315 13.37 19.98 -7.18
C GLU B 315 13.52 21.51 -7.39
C GLU B 315 13.53 21.50 -7.30
N ILE B 316 14.76 22.00 -7.50
CA ILE B 316 15.02 23.44 -7.82
C ILE B 316 14.28 23.75 -9.12
N ALA B 317 14.46 22.95 -10.17
CA ALA B 317 13.78 23.22 -11.45
C ALA B 317 12.26 23.23 -11.29
N ALA B 318 11.70 22.29 -10.55
CA ALA B 318 10.23 22.22 -10.40
C ALA B 318 9.75 23.48 -9.66
N VAL B 319 10.45 23.90 -8.63
CA VAL B 319 10.04 25.08 -7.82
C VAL B 319 10.11 26.34 -8.68
N LYS B 320 11.16 26.51 -9.49
CA LYS B 320 11.26 27.70 -10.38
C LYS B 320 10.11 27.67 -11.38
N SER B 321 9.80 26.50 -11.93
CA SER B 321 8.74 26.32 -12.94
C SER B 321 7.38 26.72 -12.33
N VAL B 322 7.07 26.22 -11.16
CA VAL B 322 5.72 26.41 -10.55
C VAL B 322 5.58 27.87 -10.09
N PHE B 323 6.61 28.41 -9.45
CA PHE B 323 6.48 29.63 -8.63
C PHE B 323 6.98 30.87 -9.39
N GLY B 324 7.72 30.70 -10.49
CA GLY B 324 8.13 31.86 -11.31
C GLY B 324 8.75 32.97 -10.47
N GLU B 325 8.21 34.20 -10.54
CA GLU B 325 8.81 35.38 -9.86
C GLU B 325 8.68 35.28 -8.33
N HIS B 326 8.03 34.25 -7.79
CA HIS B 326 7.84 34.09 -6.33
C HIS B 326 8.83 33.06 -5.80
N ALA B 327 9.52 32.35 -6.67
CA ALA B 327 10.38 31.20 -6.30
C ALA B 327 11.48 31.61 -5.31
N HIS B 328 11.96 32.87 -5.34
CA HIS B 328 13.02 33.34 -4.40
C HIS B 328 12.43 33.88 -3.10
N ALA B 329 11.14 34.14 -3.03
CA ALA B 329 10.49 34.78 -1.87
C ALA B 329 10.08 33.71 -0.85
N LEU B 330 9.64 32.55 -1.34
CA LEU B 330 9.41 31.43 -0.38
C LEU B 330 10.77 30.98 0.17
N SER B 331 10.73 30.21 1.26
CA SER B 331 11.90 29.48 1.77
C SER B 331 11.67 27.99 1.53
N MET B 332 12.68 27.30 1.11
CA MET B 332 12.59 25.83 0.93
C MET B 332 13.77 25.22 1.66
N SER B 333 13.50 24.22 2.50
CA SER B 333 14.61 23.53 3.18
C SER B 333 14.41 22.00 3.16
N SER B 334 15.51 21.30 3.30
CA SER B 334 15.50 19.83 3.45
C SER B 334 15.90 19.50 4.87
N THR B 335 14.94 19.02 5.67
CA THR B 335 15.23 18.50 7.00
C THR B 335 15.94 17.15 6.92
N LYS B 336 16.03 16.53 5.74
CA LYS B 336 16.86 15.33 5.56
C LYS B 336 18.36 15.63 5.78
N SER B 337 18.76 16.89 5.66
CA SER B 337 20.13 17.32 6.03
C SER B 337 20.47 16.94 7.47
N MET B 338 19.45 16.84 8.35
CA MET B 338 19.61 16.50 9.78
C MET B 338 19.11 15.07 10.07
N THR B 339 17.98 14.66 9.49
CA THR B 339 17.33 13.39 9.87
C THR B 339 17.80 12.23 9.00
N GLY B 340 18.43 12.52 7.87
CA GLY B 340 18.53 11.57 6.78
C GLY B 340 17.16 11.23 6.20
N HIS B 341 17.12 10.17 5.43
CA HIS B 341 15.97 9.79 4.56
C HIS B 341 15.23 8.63 5.19
N LEU B 342 14.07 8.87 5.77
CA LEU B 342 13.27 7.81 6.46
C LEU B 342 12.41 7.00 5.46
N LEU B 343 12.64 7.16 4.15
CA LEU B 343 11.98 6.39 3.07
C LEU B 343 10.48 6.55 3.24
N GLY B 344 9.72 5.49 3.57
CA GLY B 344 8.27 5.64 3.62
C GLY B 344 7.82 6.48 4.80
N ALA B 345 8.65 6.68 5.81
CA ALA B 345 8.28 7.57 6.93
C ALA B 345 8.71 9.01 6.64
N ALA B 346 9.52 9.28 5.62
CA ALA B 346 9.99 10.66 5.35
C ALA B 346 8.82 11.63 5.25
N GLY B 347 7.81 11.32 4.43
CA GLY B 347 6.69 12.23 4.21
C GLY B 347 5.87 12.45 5.47
N ALA B 348 5.90 11.49 6.39
CA ALA B 348 5.11 11.60 7.63
C ALA B 348 5.83 12.57 8.58
N VAL B 349 7.13 12.34 8.84
CA VAL B 349 7.86 13.24 9.77
C VAL B 349 7.94 14.63 9.12
N GLU B 350 8.05 14.71 7.79
CA GLU B 350 8.18 16.03 7.14
C GLU B 350 6.86 16.79 7.14
N ALA B 351 5.71 16.11 7.06
CA ALA B 351 4.39 16.75 7.28
C ALA B 351 4.35 17.34 8.68
N ILE B 352 4.88 16.60 9.65
CA ILE B 352 4.85 17.13 11.04
C ILE B 352 5.74 18.38 11.11
N PHE B 353 6.92 18.36 10.50
CA PHE B 353 7.82 19.53 10.53
C PHE B 353 7.18 20.71 9.82
N SER B 354 6.42 20.46 8.77
CA SER B 354 5.72 21.53 8.01
C SER B 354 4.67 22.17 8.90
N VAL B 355 3.87 21.37 9.58
CA VAL B 355 2.86 21.86 10.56
C VAL B 355 3.58 22.66 11.65
N LEU B 356 4.73 22.22 12.15
CA LEU B 356 5.38 22.97 13.26
C LEU B 356 6.02 24.26 12.74
N ALA B 357 6.46 24.28 11.49
CA ALA B 357 6.95 25.51 10.84
C ALA B 357 5.81 26.55 10.88
N LEU B 358 4.59 26.12 10.62
CA LEU B 358 3.40 27.02 10.68
C LEU B 358 3.18 27.45 12.13
N ARG B 359 3.21 26.53 13.08
CA ARG B 359 2.91 26.87 14.50
C ARG B 359 3.94 27.90 14.99
N ASP B 360 5.21 27.68 14.67
CA ASP B 360 6.33 28.42 15.30
C ASP B 360 6.85 29.55 14.40
N GLN B 361 6.29 29.70 13.18
CA GLN B 361 6.66 30.78 12.23
C GLN B 361 8.17 30.74 12.01
N VAL B 362 8.71 29.58 11.63
CA VAL B 362 10.17 29.43 11.44
C VAL B 362 10.41 28.37 10.37
N ALA B 363 11.30 28.68 9.43
CA ALA B 363 11.81 27.71 8.44
C ALA B 363 12.98 26.95 9.04
N PRO B 364 12.90 25.60 9.12
CA PRO B 364 14.03 24.81 9.56
C PRO B 364 15.16 24.91 8.57
N PRO B 365 16.41 24.73 9.02
CA PRO B 365 17.58 24.89 8.16
C PRO B 365 17.78 23.70 7.21
N THR B 366 18.49 23.95 6.12
CA THR B 366 19.23 22.89 5.40
C THR B 366 20.65 22.95 5.94
N ILE B 367 21.03 22.08 6.87
CA ILE B 367 22.44 22.08 7.32
C ILE B 367 23.36 21.51 6.21
N ASN B 368 24.66 21.73 6.35
CA ASN B 368 25.73 21.20 5.46
C ASN B 368 25.71 21.85 4.07
N LEU B 369 24.93 22.90 3.84
CA LEU B 369 24.83 23.57 2.53
C LEU B 369 25.95 24.61 2.43
N ASP B 370 27.17 24.12 2.36
CA ASP B 370 28.42 24.92 2.45
C ASP B 370 28.67 25.59 1.11
N ASN B 371 28.41 24.90 0.01
CA ASN B 371 28.69 25.35 -1.37
C ASN B 371 27.53 24.95 -2.27
N PRO B 372 26.47 25.77 -2.33
CA PRO B 372 25.36 25.49 -3.23
C PRO B 372 25.84 25.19 -4.64
N ASP B 373 25.20 24.21 -5.27
CA ASP B 373 25.57 23.73 -6.61
C ASP B 373 25.07 24.75 -7.64
N GLU B 374 25.54 24.59 -8.88
CA GLU B 374 25.10 25.36 -10.07
C GLU B 374 23.56 25.46 -10.09
N GLY B 375 23.02 26.68 -10.07
CA GLY B 375 21.57 26.91 -10.20
C GLY B 375 20.79 26.73 -8.89
N CYS B 376 21.46 26.34 -7.81
CA CYS B 376 20.80 26.12 -6.50
C CYS B 376 20.78 27.46 -5.75
N ASP B 377 20.14 28.48 -6.33
CA ASP B 377 20.30 29.88 -5.86
C ASP B 377 19.02 30.36 -5.16
N LEU B 378 18.13 29.43 -4.79
CA LEU B 378 16.89 29.80 -4.06
C LEU B 378 17.24 30.09 -2.60
N ASP B 379 16.27 30.47 -1.79
CA ASP B 379 16.45 30.58 -0.32
C ASP B 379 16.26 29.17 0.27
N LEU B 380 17.36 28.45 0.43
CA LEU B 380 17.38 27.04 0.89
C LEU B 380 17.67 27.01 2.38
N VAL B 381 17.55 28.17 3.06
CA VAL B 381 17.71 28.27 4.54
C VAL B 381 19.00 27.57 4.99
N ALA B 382 20.11 27.88 4.33
CA ALA B 382 21.41 27.27 4.65
C ALA B 382 21.77 27.50 6.13
N HIS B 383 22.17 26.41 6.78
CA HIS B 383 22.90 26.33 8.06
C HIS B 383 22.01 26.58 9.29
N GLU B 384 21.19 27.63 9.31
CA GLU B 384 20.49 28.05 10.55
C GLU B 384 19.02 28.30 10.26
N ALA B 385 18.18 27.99 11.23
CA ALA B 385 16.72 28.21 11.19
C ALA B 385 16.44 29.68 10.88
N LYS B 386 15.36 29.95 10.15
CA LYS B 386 15.01 31.34 9.75
C LYS B 386 13.58 31.65 10.18
N PRO B 387 13.39 32.41 11.29
CA PRO B 387 12.08 32.92 11.64
C PRO B 387 11.51 33.78 10.51
N ARG B 388 10.26 33.59 10.15
CA ARG B 388 9.62 34.29 9.01
C ARG B 388 8.12 34.06 9.07
N LYS B 389 7.41 34.85 8.29
CA LYS B 389 5.97 34.67 8.08
C LYS B 389 5.73 33.41 7.25
N ILE B 390 4.91 32.51 7.76
CA ILE B 390 4.50 31.26 7.05
C ILE B 390 3.00 31.07 7.25
N ASP B 391 2.21 31.36 6.23
CA ASP B 391 0.75 31.09 6.27
C ASP B 391 0.47 29.75 5.57
N VAL B 392 1.26 29.44 4.54
CA VAL B 392 1.03 28.24 3.70
C VAL B 392 2.37 27.51 3.56
N ALA B 393 2.39 26.20 3.85
CA ALA B 393 3.58 25.34 3.84
C ALA B 393 3.25 24.13 2.96
N LEU B 394 4.17 23.77 2.10
CA LEU B 394 4.06 22.57 1.25
C LEU B 394 5.05 21.53 1.77
N SER B 395 4.72 20.26 1.59
CA SER B 395 5.67 19.17 1.87
C SER B 395 5.64 18.24 0.67
N ASN B 396 6.77 18.08 0.03
CA ASN B 396 6.90 17.30 -1.22
C ASN B 396 7.62 15.96 -0.99
N SER B 397 7.17 14.92 -1.68
CA SER B 397 7.87 13.61 -1.69
C SER B 397 7.89 13.08 -3.12
N PHE B 398 9.00 12.48 -3.54
CA PHE B 398 9.20 11.89 -4.89
C PHE B 398 9.80 10.50 -4.60
N GLY B 399 9.39 9.47 -5.30
CA GLY B 399 9.95 8.14 -4.98
C GLY B 399 10.13 7.29 -6.21
N PHE B 400 10.69 6.09 -5.99
CA PHE B 400 10.84 5.06 -7.02
C PHE B 400 9.53 4.89 -7.74
N GLY B 401 9.62 4.65 -9.04
CA GLY B 401 8.47 4.51 -9.95
C GLY B 401 7.99 5.83 -10.47
N GLY B 402 8.66 6.90 -10.09
CA GLY B 402 8.26 8.28 -10.48
C GLY B 402 7.03 8.73 -9.72
N THR B 403 6.81 8.20 -8.53
CA THR B 403 5.58 8.55 -7.76
C THR B 403 5.81 9.83 -6.96
N ASN B 404 4.89 10.78 -7.04
CA ASN B 404 5.03 12.12 -6.46
C ASN B 404 3.86 12.34 -5.52
N GLY B 405 4.13 13.08 -4.47
CA GLY B 405 3.07 13.55 -3.58
C GLY B 405 3.42 14.92 -3.05
N THR B 406 2.41 15.76 -2.88
CA THR B 406 2.54 17.10 -2.27
C THR B 406 1.36 17.30 -1.31
N LEU B 407 1.68 17.75 -0.10
CA LEU B 407 0.68 18.19 0.88
C LEU B 407 0.80 19.72 1.03
N VAL B 408 -0.35 20.37 1.13
CA VAL B 408 -0.46 21.84 1.38
C VAL B 408 -1.17 22.02 2.72
N PHE B 409 -0.47 22.64 3.67
CA PHE B 409 -0.98 23.01 5.00
C PHE B 409 -1.12 24.52 5.07
N ARG B 410 -2.11 24.97 5.80
CA ARG B 410 -2.31 26.41 6.07
C ARG B 410 -2.52 26.65 7.56
N ARG B 411 -2.10 27.82 8.04
CA ARG B 411 -2.45 28.24 9.42
C ARG B 411 -3.97 28.20 9.60
N PHE B 412 -4.42 27.77 10.78
CA PHE B 412 -5.85 27.74 11.16
C PHE B 412 -6.11 28.76 12.28
N ALA B 413 -7.15 29.59 12.16
CA ALA B 413 -7.68 30.44 13.26
C ALA B 413 -9.17 30.72 13.03
C10 JMM C . -0.56 -12.43 -24.63
C13 JMM C . -3.36 -11.48 -24.64
C17 JMM C . -2.60 -17.02 -24.74
C01 JMM C . 0.48 -6.64 -24.37
C02 JMM C . -0.90 -7.03 -24.14
C03 JMM C . -0.95 -8.39 -24.39
O04 JMM C . 0.31 -8.88 -24.73
C05 JMM C . 1.16 -7.78 -24.71
C06 JMM C . -2.18 -9.24 -24.37
O07 JMM C . -3.23 -8.74 -24.03
N08 JMM C . -2.18 -10.63 -24.74
C09 JMM C . -1.10 -11.31 -25.54
N11 JMM C . -1.69 -13.33 -24.33
C12 JMM C . -2.93 -12.65 -23.75
C14 JMM C . -1.56 -14.72 -24.47
O15 JMM C . -0.45 -15.22 -24.72
C16 JMM C . -2.74 -15.60 -24.22
C18 JMM C . -2.57 -16.74 -23.25
S DMS D . -17.45 4.36 -7.09
O DMS D . -16.97 5.29 -6.01
C1 DMS D . -18.31 3.05 -6.26
C2 DMS D . -18.87 5.14 -7.83
S DMS E . -34.12 -9.46 4.11
O DMS E . -34.66 -10.55 3.17
C1 DMS E . -33.17 -8.32 3.09
C2 DMS E . -35.55 -8.40 4.45
S DMS F . 20.73 -12.68 -6.39
O DMS F . 21.64 -11.97 -5.41
C1 DMS F . 21.42 -14.29 -6.66
C2 DMS F . 21.08 -11.95 -7.98
C10 JMM G . 8.56 -7.84 1.63
C10 JMM G . 9.46 -6.81 1.60
C13 JMM G . 7.58 -5.14 1.51
C13 JMM G . 6.69 -6.33 1.43
C17 JMM G . 7.47 -9.52 4.99
C17 JMM G . 12.20 -4.42 -0.47
C01 JMM G . 13.25 -5.40 0.04
C01 JMM G . 7.21 -11.69 4.04
C02 JMM G . 12.05 -5.33 0.82
C02 JMM G . 7.29 -10.62 3.10
C03 JMM G . 11.11 -4.90 -0.01
C03 JMM G . 6.61 -9.58 3.66
O04 JMM G . 11.60 -4.66 -1.28
O04 JMM G . 6.15 -9.91 4.91
C05 JMM G . 12.93 -4.99 -1.21
C05 JMM G . 6.53 -11.23 5.12
C06 JMM G . 9.67 -4.76 0.24
C06 JMM G . 6.27 -8.25 3.06
O07 JMM G . 9.00 -4.01 -0.44
O07 JMM G . 5.20 -7.78 3.32
N08 JMM G . 8.97 -5.50 1.20
N08 JMM G . 7.13 -7.56 2.18
C09 JMM G . 9.44 -6.67 1.98
C09 JMM G . 8.54 -7.51 2.54
N11 JMM G . 7.21 -7.56 2.18
N11 JMM G . 8.98 -5.52 1.11
C12 JMM G . 6.61 -6.32 1.62
C12 JMM G . 7.65 -5.13 1.56
C14 JMM G . 6.53 -8.33 3.03
C14 JMM G . 9.71 -4.74 0.24
O15 JMM G . 5.46 -7.96 3.44
O15 JMM G . 9.29 -3.66 -0.09
C16 JMM G . 7.14 -9.61 3.54
C16 JMM G . 11.01 -5.32 -0.24
C18 JMM G . 6.37 -10.45 4.49
C18 JMM G . 12.11 -5.26 0.75
S DMS H . 0.28 2.80 24.62
O DMS H . -0.38 4.14 24.66
C1 DMS H . 0.45 2.26 26.32
C2 DMS H . -0.96 1.63 24.10
S DMS I . -16.97 2.98 24.93
O DMS I . -18.17 3.76 24.34
C1 DMS I . -16.22 4.05 26.15
C2 DMS I . -17.67 1.79 26.05
S DMS J . -8.68 17.28 1.78
O DMS J . -9.32 16.80 0.49
C1 DMS J . -7.17 18.10 1.28
C2 DMS J . -9.58 18.77 2.25
S DMS K . 8.39 -12.56 14.45
O DMS K . 9.39 -13.17 13.48
C1 DMS K . 8.59 -13.45 15.98
C2 DMS K . 9.08 -11.00 14.99
S DMS L . 2.86 12.34 23.75
O DMS L . 1.77 12.21 22.71
C1 DMS L . 4.40 12.50 22.90
C2 DMS L . 3.18 10.75 24.40
S DMS M . 11.98 -8.74 16.99
O DMS M . 10.75 -8.31 16.23
C1 DMS M . 12.45 -7.38 18.01
C2 DMS M . 13.32 -8.68 15.83
S DMS N . -8.69 6.69 23.54
O DMS N . -10.19 6.44 23.64
C1 DMS N . -7.86 5.22 24.11
C2 DMS N . -8.27 7.76 24.91
P PO4 O . -18.78 11.84 17.96
O1 PO4 O . -19.49 10.76 18.78
O2 PO4 O . -19.32 13.24 18.37
O3 PO4 O . -17.20 11.74 18.20
O4 PO4 O . -19.13 11.63 16.46
#